data_9KQJ
#
_entry.id   9KQJ
#
_cell.length_a   1.00
_cell.length_b   1.00
_cell.length_c   1.00
_cell.angle_alpha   90.00
_cell.angle_beta   90.00
_cell.angle_gamma   90.00
#
_symmetry.space_group_name_H-M   'P 1'
#
loop_
_entity.id
_entity.type
_entity.pdbx_description
1 polymer 'Phosphatidylserine synthase 1'
2 non-polymer 1,2-DICAPROYL-SN-PHOSPHATIDYL-L-SERINE
3 non-polymer 1-palmitoyl-2-oleoyl-sn-glycero-3-phosphocholine
4 non-polymer DODECANE
5 non-polymer TETRADECANE
6 non-polymer 'CALCIUM ION'
7 non-polymer Phosphatidylinositol
#
_entity_poly.entity_id   1
_entity_poly.type   'polypeptide(L)'
_entity_poly.pdbx_seq_one_letter_code
;MASCVGSRTLSKDDVNYKMHFRMINEQQVEDITIDFFYRPHTITLLSFTIVSLMYFAFTRDDSVPEDNIWRGILSVIFFF
LIISVLAFPNGPFTRPHPALWRMVFGLSVLYFLFLVFLLFLNFEQVKSLMYWLDPNLRYATREADVMEYAVNCHVITWER
IISHFDIFAFGHFWGWAMKALLIRSYGLCWTISITWELTELFFMHLLPNFAECWWDQVILDILLCNGGGIWLGMVVCRFL
EMRTYHWASFKDIHTTTGKIKRAVLQFTPASWTYVRWFDPKSSFQRVAGVYLFMIIWQLTELNTFFLKHIFVFQASHPLS
WGRILFIGGITAPTVRQYYAYLTDTQCKRVGTQCWVFGVIGFLEAIVCIKFGQDLFSKTQILYVVLWLLCVAFTTFLCLY
GMIWYAEHYGHREKTYSECEDGTYSPEISWHHRKGTKGSEDSPPKHAGNNESHSSRRRNRHSKSKVTNGVGKK
;
_entity_poly.pdbx_strand_id   A,B
#
# COMPACT_ATOMS: atom_id res chain seq x y z
N ASP A 14 -10.14 8.84 24.57
CA ASP A 14 -9.02 8.47 23.71
C ASP A 14 -9.15 7.02 23.27
N VAL A 15 -9.65 6.18 24.18
CA VAL A 15 -9.91 4.79 23.84
C VAL A 15 -11.01 4.69 22.80
N ASN A 16 -12.04 5.54 22.94
CA ASN A 16 -13.16 5.52 22.00
C ASN A 16 -12.72 5.92 20.59
N TYR A 17 -11.83 6.90 20.46
CA TYR A 17 -11.40 7.32 19.13
C TYR A 17 -10.79 6.17 18.35
N LYS A 18 -9.81 5.49 18.94
CA LYS A 18 -9.19 4.37 18.24
C LYS A 18 -10.17 3.23 18.03
N MET A 19 -11.11 3.06 18.96
CA MET A 19 -12.12 2.02 18.81
C MET A 19 -13.16 2.44 17.77
N HIS A 20 -13.53 3.72 17.75
CA HIS A 20 -14.53 4.18 16.80
C HIS A 20 -13.96 4.29 15.39
N PHE A 21 -12.68 4.60 15.26
CA PHE A 21 -12.06 4.62 13.94
C PHE A 21 -11.96 3.23 13.35
N ARG A 22 -11.71 2.22 14.19
CA ARG A 22 -11.64 0.85 13.71
C ARG A 22 -13.00 0.28 13.33
N MET A 23 -14.10 0.96 13.66
CA MET A 23 -15.40 0.58 13.13
C MET A 23 -15.66 1.18 11.77
N ILE A 24 -14.86 2.14 11.34
CA ILE A 24 -15.01 2.77 10.04
C ILE A 24 -13.89 2.35 9.09
N ASN A 25 -12.67 2.23 9.59
CA ASN A 25 -11.56 1.84 8.74
C ASN A 25 -11.58 0.35 8.46
N GLU A 26 -11.71 -0.48 9.50
CA GLU A 26 -11.70 -1.94 9.33
C GLU A 26 -12.86 -2.54 10.14
N GLN A 27 -14.05 -2.59 9.54
CA GLN A 27 -15.15 -3.27 10.18
C GLN A 27 -14.87 -4.77 10.23
N GLN A 28 -15.12 -5.37 11.39
CA GLN A 28 -14.82 -6.77 11.62
C GLN A 28 -16.06 -7.64 11.43
N VAL A 29 -15.84 -8.88 11.03
CA VAL A 29 -16.92 -9.80 10.73
C VAL A 29 -17.57 -10.31 12.03
N GLU A 30 -18.86 -10.60 11.96
CA GLU A 30 -19.63 -11.02 13.12
C GLU A 30 -20.28 -12.36 12.85
N ASP A 31 -20.40 -13.17 13.91
CA ASP A 31 -21.05 -14.47 13.85
C ASP A 31 -20.40 -15.38 12.81
N ILE A 32 -19.06 -15.36 12.77
CA ILE A 32 -18.33 -16.24 11.86
C ILE A 32 -18.65 -17.68 12.21
N THR A 33 -19.25 -18.41 11.27
CA THR A 33 -19.52 -19.82 11.46
C THR A 33 -18.71 -20.72 10.55
N ILE A 34 -18.42 -20.29 9.33
CA ILE A 34 -17.53 -21.02 8.43
C ILE A 34 -16.19 -20.30 8.50
N ASP A 35 -15.32 -20.79 9.38
CA ASP A 35 -14.04 -20.15 9.66
C ASP A 35 -13.01 -20.38 8.56
N PHE A 36 -13.30 -21.22 7.57
CA PHE A 36 -12.36 -21.41 6.47
C PHE A 36 -12.14 -20.09 5.73
N PHE A 37 -13.20 -19.34 5.49
CA PHE A 37 -13.11 -18.12 4.70
C PHE A 37 -12.49 -16.95 5.45
N TYR A 38 -12.31 -17.07 6.76
CA TYR A 38 -11.86 -15.95 7.58
C TYR A 38 -10.56 -16.23 8.32
N ARG A 39 -9.92 -17.37 8.08
CA ARG A 39 -8.67 -17.71 8.72
C ARG A 39 -7.53 -17.45 7.75
N PRO A 40 -6.60 -16.54 8.06
CA PRO A 40 -5.54 -16.24 7.11
C PRO A 40 -4.60 -17.41 6.93
N HIS A 41 -4.17 -17.61 5.68
CA HIS A 41 -3.12 -18.58 5.35
C HIS A 41 -2.12 -17.82 4.48
N THR A 42 -1.21 -17.09 5.12
CA THR A 42 -0.37 -16.15 4.41
C THR A 42 0.99 -16.72 4.02
N ILE A 43 1.44 -17.80 4.66
CA ILE A 43 2.61 -18.51 4.16
C ILE A 43 2.26 -19.29 2.90
N THR A 44 1.04 -19.82 2.80
CA THR A 44 0.59 -20.39 1.53
C THR A 44 0.50 -19.32 0.45
N LEU A 45 0.09 -18.11 0.84
CA LEU A 45 0.11 -16.99 -0.10
C LEU A 45 1.53 -16.67 -0.56
N LEU A 46 2.48 -16.67 0.37
CA LEU A 46 3.88 -16.41 0.01
C LEU A 46 4.39 -17.47 -0.94
N SER A 47 4.12 -18.74 -0.64
CA SER A 47 4.57 -19.83 -1.49
C SER A 47 3.93 -19.74 -2.88
N PHE A 48 2.65 -19.40 -2.95
CA PHE A 48 1.98 -19.27 -4.23
C PHE A 48 2.59 -18.13 -5.05
N THR A 49 2.86 -16.99 -4.41
CA THR A 49 3.46 -15.87 -5.13
C THR A 49 4.83 -16.25 -5.66
N ILE A 50 5.65 -16.89 -4.83
CA ILE A 50 7.01 -17.22 -5.24
C ILE A 50 6.99 -18.25 -6.37
N VAL A 51 6.14 -19.28 -6.28
CA VAL A 51 6.11 -20.30 -7.32
C VAL A 51 5.52 -19.74 -8.61
N SER A 52 4.51 -18.87 -8.51
CA SER A 52 3.95 -18.25 -9.70
C SER A 52 4.99 -17.41 -10.42
N LEU A 53 5.73 -16.59 -9.66
CA LEU A 53 6.76 -15.78 -10.30
C LEU A 53 7.91 -16.62 -10.82
N MET A 54 8.21 -17.74 -10.15
CA MET A 54 9.22 -18.66 -10.67
C MET A 54 8.81 -19.21 -12.03
N TYR A 55 7.54 -19.62 -12.15
CA TYR A 55 7.06 -20.13 -13.44
C TYR A 55 7.11 -19.05 -14.51
N PHE A 56 6.58 -17.86 -14.19
CA PHE A 56 6.56 -16.78 -15.16
C PHE A 56 7.95 -16.28 -15.52
N ALA A 57 8.94 -16.52 -14.68
CA ALA A 57 10.31 -16.12 -15.00
C ALA A 57 11.00 -17.17 -15.86
N PHE A 58 10.91 -18.44 -15.47
CA PHE A 58 11.70 -19.47 -16.12
C PHE A 58 10.99 -20.17 -17.27
N THR A 59 9.75 -19.80 -17.58
CA THR A 59 9.08 -20.41 -18.72
C THR A 59 8.54 -19.43 -19.75
N ARG A 60 8.35 -18.17 -19.39
CA ARG A 60 7.76 -17.20 -20.31
C ARG A 60 8.82 -16.67 -21.27
N ASP A 61 8.46 -16.59 -22.56
CA ASP A 61 9.33 -16.01 -23.56
C ASP A 61 9.30 -14.49 -23.45
N ASP A 62 10.47 -13.86 -23.41
CA ASP A 62 10.56 -12.42 -23.21
C ASP A 62 11.38 -11.76 -24.31
N SER A 63 11.22 -12.20 -25.55
CA SER A 63 11.91 -11.58 -26.67
C SER A 63 11.16 -10.39 -27.25
N VAL A 64 9.94 -10.13 -26.79
CA VAL A 64 9.14 -8.99 -27.25
C VAL A 64 9.09 -7.97 -26.10
N PRO A 65 9.72 -6.80 -26.25
CA PRO A 65 9.76 -5.86 -25.12
C PRO A 65 8.40 -5.31 -24.72
N GLU A 66 7.53 -5.01 -25.68
CA GLU A 66 6.22 -4.44 -25.33
C GLU A 66 5.40 -5.41 -24.52
N ASP A 67 5.41 -6.69 -24.89
CA ASP A 67 4.72 -7.70 -24.09
C ASP A 67 5.32 -7.80 -22.71
N ASN A 68 6.64 -7.66 -22.61
CA ASN A 68 7.29 -7.70 -21.30
C ASN A 68 6.77 -6.57 -20.41
N ILE A 69 6.69 -5.36 -20.95
CA ILE A 69 6.22 -4.22 -20.16
C ILE A 69 4.76 -4.39 -19.79
N TRP A 70 3.93 -4.84 -20.73
CA TRP A 70 2.51 -5.00 -20.44
C TRP A 70 2.27 -6.04 -19.35
N ARG A 71 2.89 -7.21 -19.50
CA ARG A 71 2.72 -8.25 -18.49
C ARG A 71 3.35 -7.85 -17.16
N GLY A 72 4.42 -7.06 -17.18
CA GLY A 72 4.97 -6.56 -15.93
C GLY A 72 4.01 -5.63 -15.21
N ILE A 73 3.32 -4.77 -15.95
CA ILE A 73 2.30 -3.90 -15.36
C ILE A 73 1.18 -4.74 -14.76
N LEU A 74 0.72 -5.74 -15.52
CA LEU A 74 -0.36 -6.59 -15.02
C LEU A 74 0.04 -7.31 -13.74
N SER A 75 1.26 -7.84 -13.70
CA SER A 75 1.71 -8.56 -12.51
C SER A 75 1.92 -7.62 -11.34
N VAL A 76 2.42 -6.42 -11.59
CA VAL A 76 2.56 -5.44 -10.50
C VAL A 76 1.21 -5.11 -9.92
N ILE A 77 0.19 -4.92 -10.76
CA ILE A 77 -1.15 -4.65 -10.26
C ILE A 77 -1.69 -5.83 -9.46
N PHE A 78 -1.50 -7.05 -9.98
CA PHE A 78 -1.99 -8.24 -9.28
C PHE A 78 -1.35 -8.39 -7.90
N PHE A 79 -0.04 -8.23 -7.83
CA PHE A 79 0.63 -8.42 -6.55
C PHE A 79 0.45 -7.22 -5.62
N PHE A 80 0.13 -6.04 -6.14
CA PHE A 80 -0.33 -4.98 -5.28
C PHE A 80 -1.71 -5.29 -4.71
N LEU A 81 -2.56 -5.98 -5.49
CA LEU A 81 -3.83 -6.44 -4.94
C LEU A 81 -3.61 -7.44 -3.81
N ILE A 82 -2.65 -8.34 -3.97
CA ILE A 82 -2.31 -9.28 -2.91
C ILE A 82 -1.79 -8.54 -1.67
N ILE A 83 -0.92 -7.55 -1.88
CA ILE A 83 -0.39 -6.77 -0.77
C ILE A 83 -1.53 -6.03 -0.06
N SER A 84 -2.50 -5.53 -0.81
CA SER A 84 -3.64 -4.85 -0.19
C SER A 84 -4.51 -5.81 0.60
N VAL A 85 -4.67 -7.04 0.11
CA VAL A 85 -5.36 -8.06 0.90
C VAL A 85 -4.64 -8.28 2.22
N LEU A 86 -3.31 -8.28 2.19
CA LEU A 86 -2.55 -8.51 3.42
C LEU A 86 -2.61 -7.32 4.37
N ALA A 87 -2.50 -6.09 3.86
CA ALA A 87 -2.21 -4.95 4.71
C ALA A 87 -3.21 -3.80 4.65
N PHE A 88 -4.05 -3.73 3.63
CA PHE A 88 -4.82 -2.49 3.58
C PHE A 88 -6.16 -2.66 4.30
N PRO A 89 -6.75 -1.55 4.79
CA PRO A 89 -8.03 -1.65 5.50
C PRO A 89 -9.19 -1.93 4.55
N ASN A 90 -10.25 -2.50 5.13
CA ASN A 90 -11.40 -2.96 4.35
C ASN A 90 -12.62 -2.06 4.50
N GLY A 91 -12.44 -0.84 4.96
CA GLY A 91 -13.53 0.12 5.01
C GLY A 91 -14.61 -0.28 6.00
N PRO A 92 -15.79 0.30 5.87
CA PRO A 92 -16.91 -0.07 6.73
C PRO A 92 -17.71 -1.27 6.24
N PHE A 93 -17.24 -1.97 5.21
CA PHE A 93 -17.96 -3.07 4.60
C PHE A 93 -17.27 -4.39 4.87
N THR A 94 -18.07 -5.45 5.05
CA THR A 94 -17.52 -6.76 5.31
C THR A 94 -18.29 -7.86 4.57
N ARG A 95 -18.90 -7.52 3.43
CA ARG A 95 -19.55 -8.50 2.58
C ARG A 95 -19.21 -8.19 1.14
N PRO A 96 -19.11 -9.22 0.27
CA PRO A 96 -19.17 -10.66 0.56
C PRO A 96 -17.99 -11.11 1.40
N HIS A 97 -16.83 -10.50 1.21
CA HIS A 97 -15.64 -10.73 2.02
C HIS A 97 -14.91 -9.41 2.18
N PRO A 98 -14.26 -9.19 3.33
CA PRO A 98 -13.47 -7.96 3.50
C PRO A 98 -12.35 -7.82 2.49
N ALA A 99 -11.83 -8.94 1.97
CA ALA A 99 -10.70 -8.88 1.06
C ALA A 99 -11.05 -8.16 -0.25
N LEU A 100 -12.29 -8.28 -0.70
CA LEU A 100 -12.71 -7.55 -1.89
C LEU A 100 -12.58 -6.04 -1.68
N TRP A 101 -12.96 -5.56 -0.51
CA TRP A 101 -12.86 -4.14 -0.22
C TRP A 101 -11.43 -3.71 0.05
N ARG A 102 -10.59 -4.60 0.58
CA ARG A 102 -9.16 -4.31 0.65
C ARG A 102 -8.57 -4.14 -0.74
N MET A 103 -8.95 -5.00 -1.68
CA MET A 103 -8.46 -4.88 -3.06
C MET A 103 -9.02 -3.64 -3.74
N VAL A 104 -10.26 -3.27 -3.42
CA VAL A 104 -10.84 -2.03 -3.94
C VAL A 104 -10.04 -0.83 -3.43
N PHE A 105 -9.66 -0.83 -2.16
CA PHE A 105 -8.81 0.24 -1.64
C PHE A 105 -7.44 0.25 -2.30
N GLY A 106 -6.88 -0.94 -2.55
CA GLY A 106 -5.61 -0.99 -3.24
C GLY A 106 -5.67 -0.42 -4.64
N LEU A 107 -6.76 -0.69 -5.36
CA LEU A 107 -6.95 -0.09 -6.67
C LEU A 107 -7.11 1.43 -6.56
N SER A 108 -7.78 1.90 -5.50
CA SER A 108 -7.88 3.33 -5.26
C SER A 108 -6.50 3.96 -5.12
N VAL A 109 -5.63 3.31 -4.34
CA VAL A 109 -4.29 3.84 -4.13
C VAL A 109 -3.50 3.83 -5.43
N LEU A 110 -3.63 2.77 -6.22
CA LEU A 110 -2.95 2.71 -7.51
C LEU A 110 -3.39 3.84 -8.42
N TYR A 111 -4.70 4.09 -8.50
CA TYR A 111 -5.20 5.17 -9.34
C TYR A 111 -4.74 6.53 -8.83
N PHE A 112 -4.71 6.72 -7.51
CA PHE A 112 -4.24 7.99 -6.96
C PHE A 112 -2.77 8.22 -7.32
N LEU A 113 -1.94 7.18 -7.23
CA LEU A 113 -0.54 7.33 -7.58
C LEU A 113 -0.36 7.57 -9.07
N PHE A 114 -1.18 6.93 -9.90
CA PHE A 114 -1.13 7.19 -11.33
C PHE A 114 -1.49 8.63 -11.63
N LEU A 115 -2.47 9.19 -10.93
CA LEU A 115 -2.80 10.60 -11.10
C LEU A 115 -1.69 11.51 -10.61
N VAL A 116 -1.00 11.11 -9.54
CA VAL A 116 0.16 11.87 -9.07
C VAL A 116 1.24 11.90 -10.16
N PHE A 117 1.48 10.76 -10.80
CA PHE A 117 2.50 10.70 -11.85
C PHE A 117 2.13 11.57 -13.04
N LEU A 118 0.86 11.55 -13.45
CA LEU A 118 0.43 12.27 -14.64
C LEU A 118 0.60 13.78 -14.52
N LEU A 119 0.66 14.30 -13.30
CA LEU A 119 0.73 15.74 -13.11
C LEU A 119 2.07 16.34 -13.50
N PHE A 120 3.10 15.52 -13.67
CA PHE A 120 4.42 16.01 -14.04
C PHE A 120 4.74 15.83 -15.51
N LEU A 121 4.07 14.93 -16.20
CA LEU A 121 4.25 14.78 -17.64
C LEU A 121 3.60 15.94 -18.38
N ASN A 122 4.14 16.27 -19.54
CA ASN A 122 3.48 17.25 -20.39
C ASN A 122 2.32 16.59 -21.13
N PHE A 123 1.61 17.37 -21.95
CA PHE A 123 0.47 16.83 -22.67
C PHE A 123 0.89 15.76 -23.66
N GLU A 124 1.99 15.97 -24.37
CA GLU A 124 2.42 15.03 -25.40
C GLU A 124 2.79 13.68 -24.79
N GLN A 125 3.39 13.68 -23.60
CA GLN A 125 3.75 12.41 -22.96
C GLN A 125 2.52 11.64 -22.52
N VAL A 126 1.49 12.33 -22.03
CA VAL A 126 0.26 11.64 -21.66
C VAL A 126 -0.45 11.11 -22.90
N LYS A 127 -0.44 11.89 -23.99
CA LYS A 127 -1.00 11.39 -25.24
C LYS A 127 -0.26 10.15 -25.73
N SER A 128 1.07 10.16 -25.64
CA SER A 128 1.84 8.99 -26.05
C SER A 128 1.55 7.80 -25.16
N LEU A 129 1.40 8.03 -23.85
CA LEU A 129 1.07 6.95 -22.94
C LEU A 129 -0.27 6.31 -23.29
N MET A 130 -1.28 7.13 -23.54
CA MET A 130 -2.61 6.59 -23.84
C MET A 130 -2.71 6.07 -25.26
N TYR A 131 -1.79 6.44 -26.15
CA TYR A 131 -1.68 5.74 -27.42
C TYR A 131 -1.00 4.39 -27.25
N TRP A 132 -0.08 4.29 -26.30
CA TRP A 132 0.50 2.98 -25.97
C TRP A 132 -0.54 2.05 -25.39
N LEU A 133 -1.42 2.57 -24.52
CA LEU A 133 -2.47 1.73 -23.95
C LEU A 133 -3.39 1.17 -25.03
N ASP A 134 -3.80 2.01 -25.97
CA ASP A 134 -4.64 1.57 -27.08
C ASP A 134 -4.25 2.31 -28.35
N PRO A 135 -3.60 1.64 -29.30
CA PRO A 135 -3.13 2.34 -30.50
C PRO A 135 -4.24 2.96 -31.34
N ASN A 136 -5.48 2.47 -31.21
CA ASN A 136 -6.58 3.03 -31.99
C ASN A 136 -6.96 4.43 -31.54
N LEU A 137 -6.58 4.84 -30.33
CA LEU A 137 -6.90 6.18 -29.87
C LEU A 137 -6.23 7.25 -30.72
N ARG A 138 -5.12 6.90 -31.39
CA ARG A 138 -4.43 7.86 -32.24
C ARG A 138 -5.31 8.28 -33.42
N TYR A 139 -6.01 7.31 -34.02
CA TYR A 139 -6.83 7.57 -35.19
C TYR A 139 -8.21 8.14 -34.86
N ALA A 140 -8.56 8.20 -33.58
CA ALA A 140 -9.88 8.72 -33.19
C ALA A 140 -9.79 10.18 -32.77
N GLU A 159 -40.16 7.60 -30.97
CA GLU A 159 -39.35 6.97 -32.01
C GLU A 159 -37.86 7.20 -31.74
N ARG A 160 -37.49 8.47 -31.56
CA ARG A 160 -36.11 8.80 -31.24
C ARG A 160 -35.75 8.48 -29.80
N ILE A 161 -36.75 8.32 -28.92
CA ILE A 161 -36.48 8.04 -27.52
C ILE A 161 -35.78 6.69 -27.36
N ILE A 162 -36.15 5.72 -28.18
CA ILE A 162 -35.58 4.38 -28.07
C ILE A 162 -34.08 4.42 -28.33
N SER A 163 -33.65 5.14 -29.35
CA SER A 163 -32.22 5.23 -29.65
C SER A 163 -31.45 5.93 -28.53
N HIS A 164 -32.10 6.85 -27.82
CA HIS A 164 -31.45 7.53 -26.71
C HIS A 164 -31.28 6.64 -25.49
N PHE A 165 -31.91 5.46 -25.50
CA PHE A 165 -31.77 4.47 -24.44
C PHE A 165 -30.87 3.35 -24.92
N ASP A 166 -29.75 3.15 -24.25
CA ASP A 166 -28.81 2.10 -24.60
C ASP A 166 -28.12 1.62 -23.32
N ILE A 167 -27.05 0.85 -23.47
CA ILE A 167 -26.35 0.32 -22.30
C ILE A 167 -25.76 1.44 -21.46
N PHE A 168 -25.50 2.60 -22.06
CA PHE A 168 -25.05 3.75 -21.28
C PHE A 168 -26.20 4.36 -20.49
N ALA A 169 -27.43 4.27 -21.01
CA ALA A 169 -28.59 4.62 -20.21
C ALA A 169 -28.74 3.69 -19.02
N PHE A 170 -28.47 2.40 -19.22
CA PHE A 170 -28.45 1.46 -18.10
C PHE A 170 -27.37 1.84 -17.10
N GLY A 171 -26.21 2.27 -17.60
CA GLY A 171 -25.15 2.70 -16.68
C GLY A 171 -25.58 3.88 -15.83
N HIS A 172 -26.18 4.89 -16.46
CA HIS A 172 -26.69 6.03 -15.71
C HIS A 172 -27.74 5.59 -14.69
N PHE A 173 -28.67 4.74 -15.12
CA PHE A 173 -29.75 4.30 -14.25
C PHE A 173 -29.23 3.58 -13.03
N TRP A 174 -28.34 2.61 -13.22
CA TRP A 174 -27.86 1.83 -12.09
C TRP A 174 -26.89 2.61 -11.22
N GLY A 175 -26.12 3.52 -11.81
CA GLY A 175 -25.29 4.40 -10.99
C GLY A 175 -26.12 5.29 -10.09
N TRP A 176 -27.20 5.86 -10.63
CA TRP A 176 -28.07 6.68 -9.80
C TRP A 176 -28.83 5.84 -8.77
N ALA A 177 -29.14 4.60 -9.11
CA ALA A 177 -29.76 3.70 -8.13
C ALA A 177 -28.82 3.45 -6.96
N MET A 178 -27.55 3.15 -7.25
CA MET A 178 -26.58 2.94 -6.17
C MET A 178 -26.38 4.21 -5.36
N LYS A 179 -26.28 5.36 -6.03
CA LYS A 179 -26.10 6.63 -5.32
C LYS A 179 -27.27 6.89 -4.39
N ALA A 180 -28.50 6.81 -4.90
CA ALA A 180 -29.66 7.06 -4.07
C ALA A 180 -29.79 6.04 -2.96
N LEU A 181 -29.28 4.82 -3.17
CA LEU A 181 -29.27 3.83 -2.10
C LEU A 181 -28.36 4.27 -0.96
N LEU A 182 -27.20 4.85 -1.28
CA LEU A 182 -26.26 5.21 -0.23
C LEU A 182 -26.46 6.62 0.33
N ILE A 183 -27.16 7.50 -0.37
CA ILE A 183 -27.37 8.85 0.15
C ILE A 183 -28.65 8.94 0.99
N ARG A 184 -29.69 8.18 0.62
CA ARG A 184 -30.92 8.14 1.41
C ARG A 184 -31.51 9.54 1.57
N SER A 185 -31.67 10.22 0.44
CA SER A 185 -32.26 11.56 0.43
C SER A 185 -32.71 11.88 -0.97
N TYR A 186 -34.01 12.15 -1.15
CA TYR A 186 -34.51 12.65 -2.43
C TYR A 186 -33.93 14.01 -2.73
N GLY A 187 -33.80 14.86 -1.71
CA GLY A 187 -33.36 16.22 -1.94
C GLY A 187 -31.95 16.29 -2.50
N LEU A 188 -31.00 15.62 -1.85
CA LEU A 188 -29.61 15.67 -2.32
C LEU A 188 -29.50 15.10 -3.72
N CYS A 189 -30.07 13.92 -3.93
CA CYS A 189 -29.92 13.24 -5.22
C CYS A 189 -30.56 14.05 -6.34
N TRP A 190 -31.77 14.55 -6.13
CA TRP A 190 -32.43 15.32 -7.19
C TRP A 190 -31.76 16.67 -7.41
N THR A 191 -31.28 17.30 -6.33
CA THR A 191 -30.55 18.56 -6.48
C THR A 191 -29.34 18.37 -7.35
N ILE A 192 -28.52 17.37 -7.05
CA ILE A 192 -27.29 17.20 -7.81
C ILE A 192 -27.58 16.67 -9.21
N SER A 193 -28.59 15.84 -9.38
CA SER A 193 -28.97 15.40 -10.72
C SER A 193 -29.37 16.58 -11.59
N ILE A 194 -30.28 17.43 -11.09
CA ILE A 194 -30.75 18.56 -11.88
C ILE A 194 -29.60 19.52 -12.17
N THR A 195 -28.80 19.83 -11.14
CA THR A 195 -27.72 20.79 -11.32
C THR A 195 -26.70 20.28 -12.32
N TRP A 196 -26.32 19.01 -12.24
CA TRP A 196 -25.30 18.50 -13.14
C TRP A 196 -25.83 18.37 -14.55
N GLU A 197 -27.09 17.94 -14.73
CA GLU A 197 -27.60 17.89 -16.09
C GLU A 197 -27.70 19.28 -16.71
N LEU A 198 -28.09 20.28 -15.91
CA LEU A 198 -28.08 21.65 -16.42
C LEU A 198 -26.66 22.09 -16.77
N THR A 199 -25.68 21.74 -15.94
CA THR A 199 -24.29 22.11 -16.24
C THR A 199 -23.80 21.45 -17.51
N GLU A 200 -24.12 20.16 -17.70
CA GLU A 200 -23.67 19.44 -18.88
C GLU A 200 -24.34 19.97 -20.14
N LEU A 201 -25.60 20.40 -20.02
CA LEU A 201 -26.23 21.07 -21.15
C LEU A 201 -25.59 22.41 -21.43
N PHE A 202 -25.22 23.16 -20.38
CA PHE A 202 -24.56 24.45 -20.59
C PHE A 202 -23.23 24.29 -21.29
N PHE A 203 -22.48 23.23 -20.94
CA PHE A 203 -21.20 23.01 -21.58
C PHE A 203 -21.43 22.49 -22.99
N MET A 204 -22.09 23.30 -23.82
CA MET A 204 -22.33 22.97 -25.21
C MET A 204 -21.40 23.69 -26.17
N HIS A 205 -20.75 24.77 -25.74
CA HIS A 205 -19.75 25.39 -26.59
C HIS A 205 -18.49 24.54 -26.71
N LEU A 206 -18.25 23.65 -25.75
CA LEU A 206 -17.18 22.67 -25.90
C LEU A 206 -17.45 21.75 -27.06
N LEU A 207 -18.72 21.55 -27.43
CA LEU A 207 -19.13 20.59 -28.44
C LEU A 207 -19.92 21.34 -29.52
N PRO A 208 -19.22 22.04 -30.41
CA PRO A 208 -19.90 22.70 -31.54
C PRO A 208 -20.04 21.85 -32.79
N ASN A 209 -19.82 20.53 -32.69
CA ASN A 209 -19.85 19.65 -33.86
C ASN A 209 -21.00 18.65 -33.78
N PHE A 210 -21.10 17.89 -32.68
CA PHE A 210 -22.18 16.92 -32.54
C PHE A 210 -23.52 17.63 -32.38
N ALA A 211 -24.54 17.10 -33.05
CA ALA A 211 -25.87 17.71 -33.04
C ALA A 211 -26.74 17.14 -31.92
N GLU A 212 -26.25 17.18 -30.70
CA GLU A 212 -27.04 16.79 -29.54
C GLU A 212 -27.82 18.00 -29.02
N CYS A 213 -29.07 17.79 -28.69
CA CYS A 213 -29.95 18.89 -28.28
C CYS A 213 -30.25 18.84 -26.79
N TRP A 214 -30.95 19.88 -26.32
CA TRP A 214 -31.27 19.99 -24.90
C TRP A 214 -32.33 18.98 -24.47
N TRP A 215 -33.10 18.45 -25.44
CA TRP A 215 -34.20 17.55 -25.10
C TRP A 215 -33.71 16.38 -24.27
N ASP A 216 -32.65 15.71 -24.73
CA ASP A 216 -32.11 14.56 -24.01
C ASP A 216 -31.76 14.92 -22.58
N GLN A 217 -30.80 15.83 -22.40
CA GLN A 217 -30.25 16.12 -21.08
C GLN A 217 -31.31 16.66 -20.13
N VAL A 218 -32.27 17.43 -20.63
CA VAL A 218 -33.25 18.05 -19.74
C VAL A 218 -34.45 17.15 -19.45
N ILE A 219 -34.77 16.20 -20.32
CA ILE A 219 -35.95 15.39 -20.07
C ILE A 219 -35.57 13.95 -19.76
N LEU A 220 -34.87 13.28 -20.69
CA LEU A 220 -34.67 11.84 -20.55
C LEU A 220 -33.59 11.53 -19.53
N ASP A 221 -32.61 12.41 -19.36
CA ASP A 221 -31.53 12.21 -18.42
C ASP A 221 -31.84 12.76 -17.04
N ILE A 222 -33.04 13.27 -16.82
CA ILE A 222 -33.48 13.74 -15.51
C ILE A 222 -34.72 12.97 -15.04
N LEU A 223 -35.79 13.01 -15.83
CA LEU A 223 -37.03 12.36 -15.42
C LEU A 223 -36.92 10.85 -15.51
N LEU A 224 -36.36 10.33 -16.60
CA LEU A 224 -36.42 8.89 -16.84
C LEU A 224 -35.21 8.16 -16.26
N CYS A 225 -34.02 8.42 -16.78
CA CYS A 225 -32.84 7.72 -16.29
C CYS A 225 -32.56 8.06 -14.84
N ASN A 226 -32.25 9.32 -14.56
CA ASN A 226 -31.91 9.72 -13.20
C ASN A 226 -33.11 9.61 -12.26
N GLY A 227 -34.29 10.00 -12.72
CA GLY A 227 -35.46 9.92 -11.86
C GLY A 227 -35.81 8.49 -11.48
N GLY A 228 -35.82 7.60 -12.47
CA GLY A 228 -36.10 6.20 -12.19
C GLY A 228 -35.02 5.56 -11.33
N GLY A 229 -33.75 5.88 -11.60
CA GLY A 229 -32.69 5.32 -10.78
C GLY A 229 -32.78 5.77 -9.34
N ILE A 230 -33.06 7.06 -9.12
CA ILE A 230 -33.19 7.57 -7.76
C ILE A 230 -34.37 6.93 -7.06
N TRP A 231 -35.51 6.81 -7.75
CA TRP A 231 -36.69 6.20 -7.15
C TRP A 231 -36.41 4.76 -6.77
N LEU A 232 -35.77 3.99 -7.66
CA LEU A 232 -35.50 2.59 -7.37
C LEU A 232 -34.52 2.44 -6.22
N GLY A 233 -33.48 3.27 -6.19
CA GLY A 233 -32.54 3.21 -5.08
C GLY A 233 -33.19 3.56 -3.76
N MET A 234 -34.08 4.55 -3.76
CA MET A 234 -34.76 4.94 -2.53
C MET A 234 -35.73 3.86 -2.07
N VAL A 235 -36.43 3.22 -3.01
CA VAL A 235 -37.32 2.12 -2.65
C VAL A 235 -36.53 0.96 -2.06
N VAL A 236 -35.39 0.62 -2.68
CA VAL A 236 -34.58 -0.48 -2.17
C VAL A 236 -34.02 -0.14 -0.79
N CYS A 237 -33.60 1.10 -0.58
CA CYS A 237 -33.08 1.48 0.73
C CYS A 237 -34.19 1.45 1.79
N ARG A 238 -35.39 1.89 1.43
CA ARG A 238 -36.51 1.81 2.37
C ARG A 238 -36.79 0.36 2.74
N PHE A 239 -36.71 -0.55 1.76
CA PHE A 239 -36.87 -1.97 2.06
C PHE A 239 -35.76 -2.46 2.98
N LEU A 240 -34.51 -2.10 2.69
CA LEU A 240 -33.37 -2.62 3.42
C LEU A 240 -33.25 -2.06 4.83
N GLU A 241 -33.88 -0.93 5.11
CA GLU A 241 -33.84 -0.37 6.46
C GLU A 241 -35.06 -0.79 7.30
N MET A 242 -36.01 -1.51 6.72
CA MET A 242 -37.09 -2.13 7.46
C MET A 242 -36.99 -3.66 7.44
N ARG A 243 -35.81 -4.18 7.16
CA ARG A 243 -35.59 -5.62 7.06
C ARG A 243 -34.89 -6.12 8.31
N THR A 244 -35.35 -7.28 8.81
CA THR A 244 -34.73 -7.93 9.96
C THR A 244 -33.66 -8.88 9.45
N TYR A 245 -32.42 -8.64 9.83
CA TYR A 245 -31.28 -9.41 9.34
C TYR A 245 -30.92 -10.47 10.36
N HIS A 246 -31.64 -11.60 10.30
CA HIS A 246 -31.32 -12.79 11.09
C HIS A 246 -30.60 -13.77 10.17
N TRP A 247 -29.27 -13.77 10.24
CA TRP A 247 -28.46 -14.56 9.33
C TRP A 247 -28.19 -15.93 9.94
N ALA A 248 -28.69 -16.96 9.28
CA ALA A 248 -28.43 -18.33 9.72
C ALA A 248 -27.02 -18.72 9.28
N SER A 249 -26.70 -20.00 9.39
CA SER A 249 -25.38 -20.50 9.02
C SER A 249 -25.53 -21.46 7.85
N PHE A 250 -24.60 -21.37 6.90
CA PHE A 250 -24.66 -22.21 5.72
C PHE A 250 -24.59 -23.69 6.09
N LYS A 251 -23.94 -24.02 7.20
CA LYS A 251 -23.89 -25.41 7.65
C LYS A 251 -25.19 -25.84 8.32
N ASP A 252 -25.88 -24.92 8.99
CA ASP A 252 -27.09 -25.28 9.72
C ASP A 252 -28.22 -25.66 8.78
N ILE A 253 -28.33 -24.98 7.64
CA ILE A 253 -29.40 -25.26 6.69
C ILE A 253 -29.21 -26.67 6.12
N HIS A 254 -30.30 -27.44 6.07
CA HIS A 254 -30.23 -28.82 5.59
C HIS A 254 -31.11 -29.03 4.36
N THR A 255 -31.43 -27.98 3.62
CA THR A 255 -32.11 -28.08 2.34
C THR A 255 -31.26 -27.42 1.27
N THR A 256 -31.19 -28.05 0.09
CA THR A 256 -30.36 -27.52 -0.98
C THR A 256 -30.81 -26.12 -1.40
N THR A 257 -32.13 -25.92 -1.51
CA THR A 257 -32.64 -24.59 -1.82
C THR A 257 -32.22 -23.59 -0.76
N GLY A 258 -32.23 -24.00 0.50
CA GLY A 258 -31.81 -23.11 1.57
C GLY A 258 -30.34 -22.74 1.48
N LYS A 259 -29.50 -23.71 1.13
CA LYS A 259 -28.07 -23.42 1.01
C LYS A 259 -27.80 -22.51 -0.19
N ILE A 260 -28.48 -22.73 -1.31
CA ILE A 260 -28.34 -21.81 -2.44
C ILE A 260 -28.81 -20.41 -2.06
N LYS A 261 -29.91 -20.33 -1.32
CA LYS A 261 -30.43 -19.03 -0.88
C LYS A 261 -29.43 -18.31 0.02
N ARG A 262 -28.85 -19.02 0.98
CA ARG A 262 -27.90 -18.40 1.89
C ARG A 262 -26.57 -18.09 1.23
N ALA A 263 -26.21 -18.82 0.18
CA ALA A 263 -25.00 -18.49 -0.55
C ALA A 263 -25.19 -17.25 -1.42
N VAL A 264 -26.37 -17.11 -2.03
CA VAL A 264 -26.64 -15.94 -2.85
C VAL A 264 -26.74 -14.69 -1.99
N LEU A 265 -27.36 -14.81 -0.81
CA LEU A 265 -27.55 -13.67 0.09
C LEU A 265 -26.27 -13.23 0.76
N GLN A 266 -25.16 -13.96 0.61
CA GLN A 266 -23.88 -13.47 1.11
C GLN A 266 -23.40 -12.23 0.37
N PHE A 267 -23.96 -11.94 -0.80
CA PHE A 267 -23.56 -10.79 -1.59
C PHE A 267 -24.49 -9.59 -1.43
N THR A 268 -25.38 -9.62 -0.45
CA THR A 268 -26.19 -8.47 -0.05
C THR A 268 -25.76 -8.00 1.33
N PRO A 269 -26.09 -6.76 1.70
CA PRO A 269 -25.61 -6.23 2.98
C PRO A 269 -26.04 -7.07 4.17
N ALA A 270 -25.15 -7.18 5.16
CA ALA A 270 -25.49 -7.89 6.40
C ALA A 270 -26.42 -7.06 7.26
N SER A 271 -26.27 -5.74 7.25
CA SER A 271 -27.12 -4.83 7.99
C SER A 271 -27.27 -3.55 7.18
N TRP A 272 -28.09 -2.64 7.70
CA TRP A 272 -28.27 -1.34 7.06
C TRP A 272 -28.33 -0.27 8.13
N THR A 273 -27.70 0.87 7.84
CA THR A 273 -27.65 1.99 8.76
C THR A 273 -28.67 3.04 8.34
N TYR A 274 -29.45 3.51 9.31
CA TYR A 274 -30.42 4.56 9.04
C TYR A 274 -29.68 5.89 8.85
N VAL A 275 -29.77 6.44 7.64
CA VAL A 275 -29.01 7.64 7.27
C VAL A 275 -29.92 8.84 7.39
N ARG A 276 -29.48 9.84 8.15
CA ARG A 276 -30.18 11.11 8.30
C ARG A 276 -29.11 12.20 8.30
N TRP A 277 -29.09 12.99 7.23
CA TRP A 277 -28.02 13.99 7.08
C TRP A 277 -28.29 15.22 7.93
N PHE A 278 -29.48 15.79 7.81
CA PHE A 278 -29.84 16.98 8.56
C PHE A 278 -30.64 16.60 9.80
N ASP A 279 -30.79 17.56 10.69
CA ASP A 279 -31.55 17.41 11.93
C ASP A 279 -32.42 18.64 12.11
N PRO A 280 -33.47 18.54 12.94
CA PRO A 280 -34.22 19.76 13.30
C PRO A 280 -33.34 20.82 13.94
N LYS A 281 -32.30 20.43 14.67
CA LYS A 281 -31.31 21.36 15.20
C LYS A 281 -29.95 20.87 14.72
N SER A 282 -29.55 21.31 13.52
CA SER A 282 -28.30 20.88 12.92
C SER A 282 -27.27 22.00 13.03
N SER A 283 -26.09 21.67 13.54
CA SER A 283 -25.03 22.66 13.69
C SER A 283 -24.55 23.12 12.33
N PHE A 284 -24.02 24.36 12.29
CA PHE A 284 -23.46 24.87 11.05
C PHE A 284 -22.32 24.01 10.53
N GLN A 285 -21.64 23.28 11.42
CA GLN A 285 -20.64 22.33 10.96
C GLN A 285 -21.27 21.23 10.13
N ARG A 286 -22.44 20.73 10.53
CA ARG A 286 -23.12 19.69 9.77
C ARG A 286 -23.57 20.22 8.40
N VAL A 287 -24.09 21.45 8.37
CA VAL A 287 -24.50 22.04 7.10
C VAL A 287 -23.30 22.20 6.18
N ALA A 288 -22.17 22.68 6.71
CA ALA A 288 -20.97 22.82 5.89
C ALA A 288 -20.44 21.47 5.43
N GLY A 289 -20.54 20.43 6.26
CA GLY A 289 -20.11 19.11 5.83
C GLY A 289 -20.97 18.54 4.71
N VAL A 290 -22.29 18.70 4.81
CA VAL A 290 -23.16 18.25 3.73
C VAL A 290 -22.90 19.06 2.46
N TYR A 291 -22.65 20.36 2.61
CA TYR A 291 -22.33 21.19 1.46
C TYR A 291 -21.05 20.75 0.77
N LEU A 292 -20.02 20.42 1.56
CA LEU A 292 -18.78 19.92 0.99
C LEU A 292 -19.01 18.58 0.30
N PHE A 293 -19.86 17.73 0.88
CA PHE A 293 -20.21 16.47 0.24
C PHE A 293 -20.79 16.70 -1.15
N MET A 294 -21.78 17.60 -1.23
CA MET A 294 -22.41 17.87 -2.52
C MET A 294 -21.41 18.48 -3.51
N ILE A 295 -20.52 19.34 -3.02
CA ILE A 295 -19.55 19.97 -3.90
C ILE A 295 -18.56 18.96 -4.46
N ILE A 296 -18.09 18.02 -3.62
CA ILE A 296 -17.20 16.99 -4.14
C ILE A 296 -17.93 16.06 -5.10
N TRP A 297 -19.21 15.78 -4.85
CA TRP A 297 -20.00 14.97 -5.79
C TRP A 297 -20.06 15.63 -7.16
N GLN A 298 -20.43 16.90 -7.20
CA GLN A 298 -20.50 17.58 -8.49
C GLN A 298 -19.13 17.76 -9.11
N LEU A 299 -18.08 17.85 -8.29
CA LEU A 299 -16.72 17.88 -8.83
C LEU A 299 -16.37 16.57 -9.51
N THR A 300 -16.81 15.44 -8.94
CA THR A 300 -16.55 14.16 -9.59
C THR A 300 -17.29 14.07 -10.93
N GLU A 301 -18.52 14.59 -10.98
CA GLU A 301 -19.22 14.63 -12.26
C GLU A 301 -18.46 15.49 -13.27
N LEU A 302 -17.95 16.63 -12.83
CA LEU A 302 -17.17 17.51 -13.70
C LEU A 302 -15.89 16.82 -14.18
N ASN A 303 -15.24 16.07 -13.30
CA ASN A 303 -14.05 15.32 -13.70
C ASN A 303 -14.37 14.31 -14.78
N THR A 304 -15.46 13.57 -14.61
CA THR A 304 -15.83 12.57 -15.62
C THR A 304 -16.09 13.25 -16.97
N PHE A 305 -16.75 14.40 -16.96
CA PHE A 305 -16.98 15.14 -18.21
C PHE A 305 -15.67 15.60 -18.84
N PHE A 306 -14.82 16.27 -18.06
CA PHE A 306 -13.67 16.96 -18.62
C PHE A 306 -12.54 16.02 -19.00
N LEU A 307 -12.34 14.92 -18.27
CA LEU A 307 -11.33 13.96 -18.67
C LEU A 307 -11.64 13.41 -20.06
N LYS A 308 -12.89 13.06 -20.29
CA LYS A 308 -13.30 12.53 -21.58
C LYS A 308 -13.17 13.58 -22.69
N HIS A 309 -13.55 14.83 -22.41
CA HIS A 309 -13.45 15.82 -23.49
C HIS A 309 -12.01 16.30 -23.72
N ILE A 310 -11.13 16.18 -22.73
CA ILE A 310 -9.74 16.58 -22.93
C ILE A 310 -8.95 15.47 -23.59
N PHE A 311 -8.84 14.33 -22.93
CA PHE A 311 -8.20 13.16 -23.53
C PHE A 311 -9.25 12.45 -24.36
N VAL A 312 -9.20 12.64 -25.67
CA VAL A 312 -10.32 12.24 -26.53
C VAL A 312 -10.37 10.72 -26.59
N PHE A 313 -11.29 10.13 -25.85
CA PHE A 313 -11.68 8.74 -26.03
C PHE A 313 -13.20 8.66 -25.96
N GLN A 314 -13.78 7.80 -26.79
CA GLN A 314 -15.23 7.70 -26.86
C GLN A 314 -15.77 7.05 -25.58
N ALA A 315 -17.10 7.12 -25.44
CA ALA A 315 -17.74 6.58 -24.25
C ALA A 315 -17.65 5.06 -24.18
N SER A 316 -17.45 4.39 -25.30
CA SER A 316 -17.37 2.93 -25.33
C SER A 316 -15.96 2.40 -25.09
N HIS A 317 -14.98 3.27 -24.96
CA HIS A 317 -13.62 2.81 -24.69
C HIS A 317 -13.49 2.41 -23.22
N PRO A 318 -12.69 1.39 -22.92
CA PRO A 318 -12.55 0.97 -21.52
C PRO A 318 -12.04 2.05 -20.60
N LEU A 319 -11.28 3.02 -21.10
CA LEU A 319 -10.82 4.11 -20.26
C LEU A 319 -11.98 4.94 -19.72
N SER A 320 -13.11 4.96 -20.44
CA SER A 320 -14.28 5.71 -19.98
C SER A 320 -15.11 4.90 -18.99
N TRP A 321 -15.68 3.78 -19.46
CA TRP A 321 -16.62 3.06 -18.62
C TRP A 321 -15.92 2.27 -17.53
N GLY A 322 -14.68 1.81 -17.76
CA GLY A 322 -13.94 1.17 -16.69
C GLY A 322 -13.64 2.13 -15.55
N ARG A 323 -13.25 3.36 -15.89
CA ARG A 323 -13.02 4.36 -14.85
C ARG A 323 -14.31 4.71 -14.13
N ILE A 324 -15.42 4.81 -14.86
CA ILE A 324 -16.69 5.11 -14.22
C ILE A 324 -17.10 4.00 -13.28
N LEU A 325 -16.91 2.74 -13.69
CA LEU A 325 -17.20 1.61 -12.82
C LEU A 325 -16.30 1.62 -11.58
N PHE A 326 -15.02 1.94 -11.76
CA PHE A 326 -14.11 1.97 -10.63
C PHE A 326 -14.49 3.07 -9.63
N ILE A 327 -14.84 4.26 -10.13
CA ILE A 327 -15.25 5.34 -9.25
C ILE A 327 -16.55 5.00 -8.54
N GLY A 328 -17.50 4.36 -9.25
CA GLY A 328 -18.71 3.91 -8.60
C GLY A 328 -18.45 2.88 -7.52
N GLY A 329 -17.46 2.03 -7.73
CA GLY A 329 -17.08 1.07 -6.70
C GLY A 329 -16.45 1.75 -5.49
N ILE A 330 -15.64 2.78 -5.72
CA ILE A 330 -15.04 3.52 -4.62
C ILE A 330 -16.09 4.30 -3.85
N THR A 331 -17.16 4.70 -4.52
CA THR A 331 -18.12 5.64 -3.94
C THR A 331 -18.80 5.10 -2.71
N ALA A 332 -19.19 3.81 -2.71
CA ALA A 332 -20.02 3.29 -1.63
C ALA A 332 -19.34 3.34 -0.26
N PRO A 333 -18.15 2.76 -0.06
CA PRO A 333 -17.49 2.94 1.24
C PRO A 333 -17.13 4.38 1.51
N THR A 334 -16.85 5.16 0.47
CA THR A 334 -16.60 6.59 0.66
C THR A 334 -17.81 7.30 1.23
N VAL A 335 -18.99 7.03 0.67
CA VAL A 335 -20.20 7.65 1.18
C VAL A 335 -20.47 7.23 2.61
N ARG A 336 -20.30 5.93 2.91
CA ARG A 336 -20.57 5.47 4.27
C ARG A 336 -19.59 6.08 5.27
N GLN A 337 -18.30 6.13 4.93
CA GLN A 337 -17.31 6.69 5.84
C GLN A 337 -17.48 8.19 6.01
N TYR A 338 -17.83 8.90 4.94
CA TYR A 338 -18.08 10.33 5.06
C TYR A 338 -19.28 10.60 5.95
N TYR A 339 -20.35 9.82 5.79
CA TYR A 339 -21.50 9.99 6.68
C TYR A 339 -21.10 9.73 8.13
N ALA A 340 -20.34 8.67 8.37
CA ALA A 340 -19.93 8.36 9.73
C ALA A 340 -19.11 9.49 10.33
N TYR A 341 -18.11 9.98 9.62
CA TYR A 341 -17.29 11.07 10.15
C TYR A 341 -18.11 12.33 10.36
N LEU A 342 -18.99 12.66 9.41
CA LEU A 342 -19.75 13.89 9.52
C LEU A 342 -20.70 13.87 10.72
N THR A 343 -21.37 12.75 10.94
CA THR A 343 -22.45 12.70 11.94
C THR A 343 -22.03 12.14 13.28
N ASP A 344 -21.33 11.01 13.29
CA ASP A 344 -20.89 10.42 14.55
C ASP A 344 -19.93 11.36 15.26
N THR A 345 -20.17 11.59 16.54
CA THR A 345 -19.40 12.56 17.30
C THR A 345 -18.16 11.97 17.96
N GLN A 346 -17.96 10.66 17.87
CA GLN A 346 -16.84 9.99 18.51
C GLN A 346 -15.84 9.44 17.50
N CYS A 347 -15.99 9.77 16.22
CA CYS A 347 -15.11 9.20 15.20
C CYS A 347 -13.75 9.89 15.20
N LYS A 348 -13.73 11.21 15.10
CA LYS A 348 -12.55 12.05 15.21
C LYS A 348 -11.48 11.73 14.16
N ARG A 349 -11.79 10.92 13.16
CA ARG A 349 -10.88 10.70 12.05
C ARG A 349 -11.66 10.20 10.85
N VAL A 350 -11.26 10.64 9.67
CA VAL A 350 -11.92 10.28 8.42
C VAL A 350 -11.24 9.04 7.86
N GLY A 351 -12.05 8.05 7.45
CA GLY A 351 -11.50 6.79 7.00
C GLY A 351 -10.59 6.97 5.80
N THR A 352 -9.66 6.05 5.65
CA THR A 352 -8.62 6.20 4.63
C THR A 352 -9.20 6.09 3.22
N GLN A 353 -10.25 5.29 3.03
CA GLN A 353 -10.88 5.22 1.71
C GLN A 353 -11.52 6.56 1.33
N CYS A 354 -12.14 7.24 2.29
CA CYS A 354 -12.68 8.57 2.02
C CYS A 354 -11.56 9.55 1.70
N TRP A 355 -10.45 9.46 2.42
CA TRP A 355 -9.28 10.30 2.14
C TRP A 355 -8.82 10.09 0.70
N VAL A 356 -8.68 8.83 0.29
CA VAL A 356 -8.17 8.52 -1.05
C VAL A 356 -9.16 8.94 -2.11
N PHE A 357 -10.47 8.77 -1.87
CA PHE A 357 -11.46 9.23 -2.83
C PHE A 357 -11.41 10.74 -3.01
N GLY A 358 -11.33 11.48 -1.90
CA GLY A 358 -11.27 12.92 -2.02
C GLY A 358 -10.02 13.39 -2.74
N VAL A 359 -8.88 12.79 -2.42
CA VAL A 359 -7.64 13.18 -3.09
C VAL A 359 -7.67 12.79 -4.56
N ILE A 360 -8.32 11.67 -4.90
CA ILE A 360 -8.46 11.28 -6.30
C ILE A 360 -9.30 12.29 -7.05
N GLY A 361 -10.43 12.70 -6.47
CA GLY A 361 -11.28 13.69 -7.14
C GLY A 361 -10.56 15.01 -7.36
N PHE A 362 -9.85 15.48 -6.33
CA PHE A 362 -9.14 16.75 -6.47
C PHE A 362 -7.99 16.65 -7.45
N LEU A 363 -7.28 15.51 -7.48
CA LEU A 363 -6.19 15.34 -8.43
C LEU A 363 -6.70 15.24 -9.85
N GLU A 364 -7.86 14.60 -10.06
CA GLU A 364 -8.46 14.59 -11.38
C GLU A 364 -8.83 16.00 -11.82
N ALA A 365 -9.36 16.81 -10.90
CA ALA A 365 -9.65 18.20 -11.23
C ALA A 365 -8.38 18.95 -11.62
N ILE A 366 -7.29 18.74 -10.87
CA ILE A 366 -6.04 19.42 -11.18
C ILE A 366 -5.52 18.98 -12.55
N VAL A 367 -5.62 17.69 -12.85
CA VAL A 367 -5.17 17.17 -14.16
C VAL A 367 -5.98 17.82 -15.27
N CYS A 368 -7.30 17.91 -15.09
CA CYS A 368 -8.15 18.53 -16.10
C CYS A 368 -7.80 20.00 -16.30
N ILE A 369 -7.52 20.72 -15.21
CA ILE A 369 -7.13 22.12 -15.34
C ILE A 369 -5.81 22.24 -16.07
N LYS A 370 -4.83 21.38 -15.73
CA LYS A 370 -3.49 21.53 -16.26
C LYS A 370 -3.40 21.16 -17.73
N PHE A 371 -4.06 20.07 -18.13
CA PHE A 371 -3.92 19.59 -19.50
C PHE A 371 -4.91 20.24 -20.45
N GLY A 372 -6.12 20.53 -19.98
CA GLY A 372 -7.10 21.19 -20.81
C GLY A 372 -7.10 22.69 -20.70
N GLN A 373 -6.06 23.34 -21.21
CA GLN A 373 -5.98 24.79 -21.21
C GLN A 373 -6.19 25.39 -22.60
N ASP A 374 -6.50 24.56 -23.60
CA ASP A 374 -6.69 25.03 -24.96
C ASP A 374 -8.12 24.85 -25.47
N LEU A 375 -8.94 24.05 -24.79
CA LEU A 375 -10.31 23.83 -25.22
C LEU A 375 -11.24 24.98 -24.83
N PHE A 376 -10.75 25.95 -24.07
CA PHE A 376 -11.52 27.13 -23.71
C PHE A 376 -10.75 28.38 -24.11
N SER A 377 -11.47 29.38 -24.61
CA SER A 377 -10.91 30.69 -24.91
C SER A 377 -11.39 31.75 -23.94
N LYS A 378 -12.70 31.89 -23.79
CA LYS A 378 -13.33 32.71 -22.75
C LYS A 378 -13.87 31.76 -21.70
N THR A 379 -13.23 31.74 -20.54
CA THR A 379 -13.57 30.79 -19.48
C THR A 379 -14.78 31.28 -18.71
N GLN A 380 -15.83 30.46 -18.69
CA GLN A 380 -17.04 30.77 -17.93
C GLN A 380 -16.99 29.98 -16.63
N ILE A 381 -16.33 30.57 -15.63
CA ILE A 381 -16.42 30.10 -14.25
C ILE A 381 -17.52 30.81 -13.48
N LEU A 382 -18.15 31.83 -14.08
CA LEU A 382 -19.32 32.43 -13.47
C LEU A 382 -20.45 31.44 -13.33
N TYR A 383 -20.65 30.57 -14.33
CA TYR A 383 -21.62 29.49 -14.19
C TYR A 383 -21.23 28.54 -13.07
N VAL A 384 -19.96 28.16 -13.00
CA VAL A 384 -19.50 27.31 -11.91
C VAL A 384 -19.65 28.04 -10.59
N VAL A 385 -19.33 29.33 -10.54
CA VAL A 385 -19.58 30.12 -9.33
C VAL A 385 -21.07 30.14 -9.02
N LEU A 386 -21.92 30.31 -10.03
CA LEU A 386 -23.36 30.18 -9.87
C LEU A 386 -23.78 28.76 -9.54
N TRP A 387 -22.92 27.77 -9.83
CA TRP A 387 -23.28 26.37 -9.61
C TRP A 387 -23.23 25.98 -8.14
N LEU A 388 -22.39 26.63 -7.33
CA LEU A 388 -22.40 26.34 -5.90
C LEU A 388 -23.34 27.24 -5.12
N LEU A 389 -23.58 28.47 -5.59
CA LEU A 389 -24.54 29.32 -4.90
C LEU A 389 -25.94 28.72 -4.92
N CYS A 390 -26.34 28.12 -6.04
CA CYS A 390 -27.63 27.47 -6.14
C CYS A 390 -27.63 26.07 -5.53
N VAL A 391 -26.48 25.57 -5.08
CA VAL A 391 -26.47 24.33 -4.31
C VAL A 391 -26.66 24.64 -2.83
N ALA A 392 -26.01 25.69 -2.33
CA ALA A 392 -26.23 26.11 -0.95
C ALA A 392 -27.66 26.56 -0.74
N PHE A 393 -28.22 27.30 -1.70
CA PHE A 393 -29.62 27.71 -1.60
C PHE A 393 -30.54 26.50 -1.54
N THR A 394 -30.24 25.47 -2.33
CA THR A 394 -31.08 24.29 -2.36
C THR A 394 -30.88 23.39 -1.15
N THR A 395 -29.67 23.32 -0.60
CA THR A 395 -29.48 22.65 0.68
C THR A 395 -30.22 23.38 1.79
N PHE A 396 -30.19 24.71 1.77
CA PHE A 396 -30.91 25.49 2.76
C PHE A 396 -32.41 25.26 2.68
N LEU A 397 -32.95 25.02 1.48
CA LEU A 397 -34.36 24.64 1.38
C LEU A 397 -34.60 23.24 1.91
N CYS A 398 -33.59 22.37 1.94
CA CYS A 398 -33.74 21.08 2.60
C CYS A 398 -33.80 21.25 4.12
N LEU A 399 -33.00 22.16 4.67
CA LEU A 399 -33.06 22.42 6.10
C LEU A 399 -34.41 22.99 6.50
N TYR A 400 -34.92 23.94 5.72
CA TYR A 400 -36.24 24.50 6.00
C TYR A 400 -37.32 23.43 5.87
N GLY A 401 -37.18 22.54 4.89
CA GLY A 401 -38.17 21.49 4.72
C GLY A 401 -38.26 20.57 5.92
N MET A 402 -37.11 20.12 6.42
CA MET A 402 -37.11 19.22 7.56
C MET A 402 -37.58 19.91 8.83
N ILE A 403 -37.02 21.08 9.14
CA ILE A 403 -37.34 21.76 10.39
C ILE A 403 -38.81 22.17 10.44
N TRP A 404 -39.31 22.73 9.34
CA TRP A 404 -40.71 23.15 9.30
C TRP A 404 -41.66 21.95 9.28
N TYR A 405 -41.22 20.81 8.77
CA TYR A 405 -42.07 19.63 8.76
C TYR A 405 -42.22 19.04 10.16
N ALA A 406 -41.14 19.07 10.96
CA ALA A 406 -41.20 18.52 12.31
C ALA A 406 -42.21 19.27 13.17
N GLU A 407 -42.20 20.60 13.11
CA GLU A 407 -43.16 21.37 13.89
C GLU A 407 -44.56 21.25 13.32
N HIS A 408 -44.69 21.21 11.99
CA HIS A 408 -45.98 21.08 11.35
C HIS A 408 -46.27 19.62 11.00
N ASP B 14 -9.50 -17.40 20.43
CA ASP B 14 -9.47 -16.78 19.11
C ASP B 14 -9.31 -15.27 19.25
N VAL B 15 -9.76 -14.72 20.38
CA VAL B 15 -9.51 -13.31 20.68
C VAL B 15 -8.03 -13.06 20.82
N ASN B 16 -7.29 -14.04 21.36
CA ASN B 16 -5.85 -13.87 21.53
C ASN B 16 -5.14 -13.75 20.20
N TYR B 17 -5.53 -14.54 19.19
CA TYR B 17 -4.83 -14.47 17.90
C TYR B 17 -4.90 -13.07 17.31
N LYS B 18 -6.11 -12.50 17.20
CA LYS B 18 -6.23 -11.15 16.65
C LYS B 18 -5.56 -10.13 17.56
N MET B 19 -5.56 -10.38 18.87
CA MET B 19 -4.87 -9.49 19.79
C MET B 19 -3.37 -9.69 19.71
N HIS B 20 -2.91 -10.93 19.56
CA HIS B 20 -1.48 -11.20 19.53
C HIS B 20 -0.84 -10.77 18.21
N PHE B 21 -1.60 -10.84 17.12
CA PHE B 21 -1.07 -10.36 15.85
C PHE B 21 -0.94 -8.84 15.84
N ARG B 22 -1.82 -8.13 16.54
CA ARG B 22 -1.74 -6.69 16.62
C ARG B 22 -0.62 -6.20 17.53
N MET B 23 0.16 -7.10 18.11
CA MET B 23 1.41 -6.73 18.75
C MET B 23 2.62 -6.95 17.85
N ILE B 24 2.58 -7.99 17.03
CA ILE B 24 3.60 -8.16 16.00
C ILE B 24 3.45 -7.08 14.92
N ASN B 25 2.23 -6.87 14.46
CA ASN B 25 2.03 -6.06 13.25
C ASN B 25 2.00 -4.57 13.57
N GLU B 26 1.16 -4.15 14.51
CA GLU B 26 1.03 -2.73 14.85
C GLU B 26 1.17 -2.58 16.36
N GLN B 27 2.39 -2.52 16.85
CA GLN B 27 2.61 -2.21 18.26
C GLN B 27 2.13 -0.80 18.54
N GLN B 28 1.43 -0.61 19.66
CA GLN B 28 0.87 0.67 20.01
C GLN B 28 1.74 1.37 21.04
N VAL B 29 1.70 2.72 21.02
CA VAL B 29 2.53 3.51 21.89
C VAL B 29 1.99 3.48 23.31
N GLU B 30 2.89 3.61 24.29
CA GLU B 30 2.52 3.55 25.69
C GLU B 30 3.00 4.82 26.40
N ASP B 31 2.21 5.23 27.40
CA ASP B 31 2.53 6.41 28.20
C ASP B 31 2.67 7.66 27.33
N ILE B 32 1.75 7.84 26.40
CA ILE B 32 1.76 9.05 25.57
C ILE B 32 1.52 10.26 26.46
N THR B 33 2.53 11.09 26.61
CA THR B 33 2.40 12.33 27.37
C THR B 33 2.40 13.58 26.52
N ILE B 34 3.11 13.58 25.39
CA ILE B 34 3.06 14.66 24.42
C ILE B 34 2.19 14.14 23.29
N ASP B 35 0.90 14.46 23.34
CA ASP B 35 -0.07 13.94 22.40
C ASP B 35 -0.03 14.64 21.04
N PHE B 36 0.77 15.69 20.90
CA PHE B 36 0.89 16.35 19.60
C PHE B 36 1.44 15.38 18.57
N PHE B 37 2.45 14.61 18.93
CA PHE B 37 3.12 13.72 17.99
C PHE B 37 2.30 12.48 17.66
N TYR B 38 1.23 12.21 18.40
CA TYR B 38 0.49 10.96 18.22
C TYR B 38 -0.97 11.17 17.84
N ARG B 39 -1.39 12.40 17.60
CA ARG B 39 -2.76 12.69 17.20
C ARG B 39 -2.81 12.91 15.70
N PRO B 40 -3.53 12.09 14.94
CA PRO B 40 -3.54 12.25 13.49
C PRO B 40 -4.21 13.54 13.07
N HIS B 41 -3.66 14.16 12.04
CA HIS B 41 -4.28 15.31 11.38
C HIS B 41 -4.26 15.00 9.88
N THR B 42 -5.24 14.24 9.43
CA THR B 42 -5.22 13.69 8.08
C THR B 42 -6.09 14.48 7.10
N ILE B 43 -6.58 15.64 7.51
CA ILE B 43 -7.15 16.59 6.56
C ILE B 43 -6.19 17.77 6.33
N THR B 44 -5.30 18.04 7.27
CA THR B 44 -4.13 18.86 6.98
C THR B 44 -3.12 18.12 6.13
N LEU B 45 -3.21 16.79 6.10
CA LEU B 45 -2.41 16.00 5.15
C LEU B 45 -3.09 15.93 3.79
N LEU B 46 -4.42 15.84 3.76
CA LEU B 46 -5.13 15.87 2.49
C LEU B 46 -4.99 17.22 1.81
N SER B 47 -5.02 18.30 2.59
CA SER B 47 -4.88 19.62 2.00
C SER B 47 -3.45 19.90 1.56
N PHE B 48 -2.47 19.38 2.29
CA PHE B 48 -1.07 19.60 1.91
C PHE B 48 -0.73 18.89 0.62
N THR B 49 -1.25 17.68 0.41
CA THR B 49 -0.95 16.95 -0.82
C THR B 49 -1.53 17.66 -2.04
N ILE B 50 -2.74 18.20 -1.93
CA ILE B 50 -3.37 18.87 -3.06
C ILE B 50 -2.71 20.21 -3.34
N VAL B 51 -2.40 20.98 -2.30
CA VAL B 51 -1.77 22.27 -2.52
C VAL B 51 -0.32 22.10 -2.98
N SER B 52 0.34 21.02 -2.55
CA SER B 52 1.67 20.72 -3.05
C SER B 52 1.63 20.40 -4.55
N LEU B 53 0.74 19.49 -4.95
CA LEU B 53 0.66 19.12 -6.35
C LEU B 53 0.07 20.23 -7.20
N MET B 54 -0.74 21.12 -6.60
CA MET B 54 -1.20 22.29 -7.32
C MET B 54 -0.05 23.22 -7.66
N TYR B 55 0.98 23.26 -6.81
CA TYR B 55 2.15 24.08 -7.09
C TYR B 55 3.05 23.45 -8.15
N PHE B 56 3.20 22.13 -8.10
CA PHE B 56 4.06 21.42 -9.06
C PHE B 56 3.41 21.26 -10.42
N ALA B 57 2.12 21.54 -10.54
CA ALA B 57 1.43 21.42 -11.82
C ALA B 57 1.42 22.73 -12.60
N PHE B 58 1.04 23.82 -11.95
CA PHE B 58 0.83 25.09 -12.64
C PHE B 58 2.05 26.00 -12.63
N THR B 59 3.17 25.57 -12.08
CA THR B 59 4.35 26.44 -12.06
C THR B 59 5.60 25.73 -12.58
N ARG B 60 5.64 24.41 -12.47
CA ARG B 60 6.81 23.65 -12.89
C ARG B 60 6.89 23.56 -14.40
N ASP B 61 8.06 23.85 -14.95
CA ASP B 61 8.28 23.71 -16.38
C ASP B 61 8.42 22.25 -16.75
N ASP B 62 7.67 21.81 -17.77
CA ASP B 62 7.67 20.42 -18.18
C ASP B 62 8.00 20.27 -19.67
N SER B 63 8.86 21.14 -20.19
CA SER B 63 9.25 21.04 -21.59
C SER B 63 10.33 20.00 -21.83
N VAL B 64 10.92 19.45 -20.78
CA VAL B 64 11.94 18.42 -20.89
C VAL B 64 11.30 17.07 -20.60
N PRO B 65 11.15 16.19 -21.60
CA PRO B 65 10.46 14.91 -21.33
C PRO B 65 11.17 14.02 -20.33
N GLU B 66 12.51 14.05 -20.29
CA GLU B 66 13.24 13.18 -19.36
C GLU B 66 13.05 13.61 -17.92
N ASP B 67 13.07 14.91 -17.66
CA ASP B 67 12.92 15.39 -16.29
C ASP B 67 11.52 15.15 -15.75
N ASN B 68 10.52 15.10 -16.63
CA ASN B 68 9.15 14.85 -16.20
C ASN B 68 9.02 13.44 -15.63
N ILE B 69 9.67 12.46 -16.27
CA ILE B 69 9.58 11.08 -15.81
C ILE B 69 10.32 10.91 -14.48
N TRP B 70 11.48 11.54 -14.34
CA TRP B 70 12.25 11.39 -13.11
C TRP B 70 11.51 12.03 -11.93
N ARG B 71 11.07 13.28 -12.08
CA ARG B 71 10.36 13.94 -10.99
C ARG B 71 9.01 13.29 -10.73
N GLY B 72 8.43 12.63 -11.73
CA GLY B 72 7.21 11.88 -11.49
C GLY B 72 7.43 10.68 -10.59
N ILE B 73 8.57 10.01 -10.75
CA ILE B 73 8.89 8.87 -9.89
C ILE B 73 9.09 9.32 -8.45
N LEU B 74 9.83 10.41 -8.26
CA LEU B 74 10.08 10.90 -6.91
C LEU B 74 8.78 11.27 -6.20
N SER B 75 7.80 11.78 -6.94
CA SER B 75 6.53 12.14 -6.34
C SER B 75 5.66 10.92 -6.07
N VAL B 76 5.71 9.93 -6.95
CA VAL B 76 4.98 8.69 -6.70
C VAL B 76 5.55 7.97 -5.48
N ILE B 77 6.87 7.95 -5.34
CA ILE B 77 7.49 7.35 -4.16
C ILE B 77 7.17 8.17 -2.92
N PHE B 78 7.23 9.50 -3.02
CA PHE B 78 6.95 10.34 -1.86
C PHE B 78 5.52 10.20 -1.40
N PHE B 79 4.56 10.18 -2.33
CA PHE B 79 3.16 10.09 -1.96
C PHE B 79 2.70 8.66 -1.68
N PHE B 80 3.53 7.67 -1.98
CA PHE B 80 3.30 6.33 -1.48
C PHE B 80 3.75 6.18 -0.03
N LEU B 81 4.69 7.02 0.41
CA LEU B 81 5.07 7.05 1.81
C LEU B 81 4.02 7.74 2.67
N ILE B 82 3.30 8.70 2.10
CA ILE B 82 2.18 9.32 2.79
C ILE B 82 1.03 8.33 2.93
N ILE B 83 0.80 7.51 1.91
CA ILE B 83 -0.18 6.43 2.02
C ILE B 83 0.27 5.40 3.04
N SER B 84 1.59 5.15 3.12
CA SER B 84 2.11 4.21 4.10
C SER B 84 1.83 4.68 5.52
N VAL B 85 1.98 5.99 5.77
CA VAL B 85 1.72 6.53 7.10
C VAL B 85 0.26 6.35 7.49
N LEU B 86 -0.66 6.48 6.55
CA LEU B 86 -2.08 6.36 6.84
C LEU B 86 -2.54 4.91 7.00
N ALA B 87 -2.04 3.98 6.19
CA ALA B 87 -2.64 2.66 6.08
C ALA B 87 -1.74 1.50 6.46
N PHE B 88 -0.43 1.62 6.31
CA PHE B 88 0.40 0.44 6.47
C PHE B 88 0.76 0.21 7.94
N PRO B 89 1.02 -1.04 8.32
CA PRO B 89 1.38 -1.34 9.70
C PRO B 89 2.80 -0.92 10.05
N ASN B 90 3.03 -0.69 11.34
CA ASN B 90 4.31 -0.16 11.81
C ASN B 90 5.16 -1.21 12.51
N GLY B 91 4.92 -2.48 12.24
CA GLY B 91 5.77 -3.53 12.77
C GLY B 91 5.69 -3.63 14.27
N PRO B 92 6.68 -4.29 14.88
CA PRO B 92 6.76 -4.34 16.34
C PRO B 92 7.49 -3.17 16.99
N PHE B 93 7.77 -2.11 16.24
CA PHE B 93 8.56 -0.99 16.72
C PHE B 93 7.70 0.27 16.83
N THR B 94 8.02 1.10 17.82
CA THR B 94 7.29 2.36 18.02
C THR B 94 8.23 3.50 18.40
N ARG B 95 9.50 3.42 18.01
CA ARG B 95 10.43 4.50 18.24
C ARG B 95 11.27 4.72 16.99
N PRO B 96 11.68 5.95 16.71
CA PRO B 96 11.33 7.21 17.39
C PRO B 96 9.85 7.55 17.25
N HIS B 97 9.25 7.21 16.11
CA HIS B 97 7.82 7.34 15.89
C HIS B 97 7.36 6.13 15.10
N PRO B 98 6.13 5.67 15.34
CA PRO B 98 5.60 4.56 14.54
C PRO B 98 5.54 4.86 13.06
N ALA B 99 5.42 6.14 12.68
CA ALA B 99 5.27 6.50 11.27
C ALA B 99 6.53 6.23 10.46
N LEU B 100 7.70 6.27 11.11
CA LEU B 100 8.93 5.94 10.40
C LEU B 100 8.92 4.48 9.94
N TRP B 101 8.38 3.59 10.76
CA TRP B 101 8.34 2.17 10.42
C TRP B 101 7.17 1.82 9.51
N ARG B 102 6.21 2.71 9.33
CA ARG B 102 5.23 2.54 8.27
C ARG B 102 5.82 2.95 6.92
N MET B 103 6.65 4.00 6.91
CA MET B 103 7.32 4.41 5.69
C MET B 103 8.46 3.46 5.33
N VAL B 104 9.07 2.83 6.34
CA VAL B 104 10.05 1.79 6.08
C VAL B 104 9.39 0.56 5.49
N PHE B 105 8.18 0.24 5.94
CA PHE B 105 7.41 -0.84 5.32
C PHE B 105 6.94 -0.47 3.93
N GLY B 106 6.56 0.79 3.74
CA GLY B 106 6.10 1.22 2.42
C GLY B 106 7.16 1.11 1.35
N LEU B 107 8.42 1.29 1.72
CA LEU B 107 9.51 1.12 0.77
C LEU B 107 9.77 -0.35 0.47
N SER B 108 9.46 -1.25 1.41
CA SER B 108 9.57 -2.68 1.14
C SER B 108 8.58 -3.10 0.07
N VAL B 109 7.36 -2.58 0.11
CA VAL B 109 6.35 -2.90 -0.89
C VAL B 109 6.77 -2.35 -2.25
N LEU B 110 7.33 -1.14 -2.28
CA LEU B 110 7.81 -0.58 -3.54
C LEU B 110 8.93 -1.42 -4.13
N TYR B 111 9.87 -1.86 -3.29
CA TYR B 111 10.97 -2.69 -3.78
C TYR B 111 10.48 -4.07 -4.18
N PHE B 112 9.52 -4.62 -3.45
CA PHE B 112 8.97 -5.92 -3.82
C PHE B 112 8.28 -5.86 -5.17
N LEU B 113 7.53 -4.79 -5.44
CA LEU B 113 6.83 -4.67 -6.71
C LEU B 113 7.79 -4.33 -7.85
N PHE B 114 8.89 -3.64 -7.55
CA PHE B 114 9.91 -3.43 -8.56
C PHE B 114 10.53 -4.74 -9.00
N LEU B 115 10.75 -5.65 -8.05
CA LEU B 115 11.30 -6.96 -8.40
C LEU B 115 10.30 -7.81 -9.16
N VAL B 116 9.00 -7.63 -8.88
CA VAL B 116 7.97 -8.33 -9.66
C VAL B 116 8.01 -7.86 -11.11
N PHE B 117 8.17 -6.56 -11.33
CA PHE B 117 8.25 -6.02 -12.68
C PHE B 117 9.49 -6.52 -13.41
N LEU B 118 10.65 -6.54 -12.72
CA LEU B 118 11.90 -6.92 -13.36
C LEU B 118 11.90 -8.36 -13.85
N LEU B 119 11.06 -9.22 -13.28
CA LEU B 119 11.06 -10.63 -13.66
C LEU B 119 10.50 -10.87 -15.05
N PHE B 120 9.82 -9.88 -15.64
CA PHE B 120 9.23 -10.04 -16.96
C PHE B 120 10.02 -9.36 -18.05
N LEU B 121 10.85 -8.38 -17.72
CA LEU B 121 11.74 -7.76 -18.70
C LEU B 121 12.88 -8.70 -19.07
N ASN B 122 13.35 -8.60 -20.30
CA ASN B 122 14.54 -9.36 -20.67
C ASN B 122 15.77 -8.66 -20.11
N PHE B 123 16.94 -9.25 -20.36
CA PHE B 123 18.18 -8.68 -19.81
C PHE B 123 18.46 -7.31 -20.40
N GLU B 124 18.24 -7.14 -21.71
CA GLU B 124 18.57 -5.88 -22.36
C GLU B 124 17.69 -4.74 -21.86
N GLN B 125 16.46 -5.04 -21.43
CA GLN B 125 15.59 -4.00 -20.91
C GLN B 125 15.97 -3.60 -19.49
N VAL B 126 16.45 -4.53 -18.68
CA VAL B 126 16.93 -4.17 -17.35
C VAL B 126 18.25 -3.40 -17.45
N LYS B 127 19.13 -3.81 -18.36
CA LYS B 127 20.35 -3.05 -18.59
C LYS B 127 20.06 -1.65 -19.07
N SER B 128 19.07 -1.49 -19.95
CA SER B 128 18.72 -0.16 -20.42
C SER B 128 17.97 0.64 -19.35
N LEU B 129 17.26 -0.04 -18.46
CA LEU B 129 16.59 0.65 -17.36
C LEU B 129 17.61 1.26 -16.40
N MET B 130 18.69 0.54 -16.10
CA MET B 130 19.70 1.02 -15.17
C MET B 130 20.76 1.88 -15.84
N TYR B 131 20.81 1.93 -17.17
CA TYR B 131 21.56 2.98 -17.85
C TYR B 131 20.80 4.29 -17.87
N TRP B 132 19.52 4.28 -17.51
CA TRP B 132 18.72 5.50 -17.35
C TRP B 132 18.87 6.08 -15.96
N LEU B 133 18.97 5.23 -14.93
CA LEU B 133 19.19 5.72 -13.58
C LEU B 133 20.54 6.43 -13.47
N ASP B 134 21.58 5.86 -14.04
CA ASP B 134 22.90 6.47 -14.03
C ASP B 134 23.61 6.19 -15.35
N PRO B 135 23.72 7.17 -16.24
CA PRO B 135 24.33 6.91 -17.55
C PRO B 135 25.77 6.44 -17.49
N ASN B 136 26.48 6.72 -16.39
CA ASN B 136 27.86 6.28 -16.27
C ASN B 136 27.97 4.76 -16.14
N LEU B 137 26.90 4.07 -15.77
CA LEU B 137 26.95 2.62 -15.67
C LEU B 137 27.24 1.97 -17.01
N ARG B 138 26.92 2.66 -18.11
CA ARG B 138 27.19 2.11 -19.44
C ARG B 138 28.68 1.98 -19.69
N TYR B 139 29.47 2.96 -19.25
CA TYR B 139 30.90 2.96 -19.47
C TYR B 139 31.68 2.14 -18.46
N ALA B 140 31.03 1.66 -17.41
CA ALA B 140 31.70 0.85 -16.39
C ALA B 140 31.55 -0.64 -16.67
N GLU B 159 50.74 -2.99 7.05
CA GLU B 159 50.82 -1.96 6.02
C GLU B 159 49.66 -2.06 5.06
N ARG B 160 49.44 -3.26 4.53
CA ARG B 160 48.31 -3.50 3.63
C ARG B 160 46.99 -3.58 4.38
N ILE B 161 47.04 -3.82 5.70
CA ILE B 161 45.81 -3.95 6.47
C ILE B 161 45.02 -2.65 6.45
N ILE B 162 45.71 -1.51 6.49
CA ILE B 162 45.05 -0.21 6.57
C ILE B 162 44.18 0.03 5.35
N SER B 163 44.70 -0.29 4.16
CA SER B 163 43.93 -0.08 2.94
C SER B 163 42.70 -0.98 2.89
N HIS B 164 42.74 -2.12 3.57
CA HIS B 164 41.60 -3.03 3.57
C HIS B 164 40.49 -2.55 4.50
N PHE B 165 40.77 -1.57 5.36
CA PHE B 165 39.74 -0.92 6.16
C PHE B 165 39.39 0.41 5.51
N ASP B 166 38.13 0.58 5.14
CA ASP B 166 37.67 1.80 4.50
C ASP B 166 36.22 2.05 4.91
N ILE B 167 35.55 2.96 4.19
CA ILE B 167 34.18 3.28 4.51
C ILE B 167 33.28 2.05 4.36
N PHE B 168 33.70 1.10 3.52
CA PHE B 168 32.94 -0.14 3.39
C PHE B 168 33.25 -1.13 4.49
N ALA B 169 34.34 -0.92 5.23
CA ALA B 169 34.58 -1.73 6.43
C ALA B 169 33.62 -1.35 7.54
N PHE B 170 33.19 -0.08 7.59
CA PHE B 170 32.16 0.31 8.53
C PHE B 170 30.83 -0.32 8.18
N GLY B 171 30.57 -0.55 6.89
CA GLY B 171 29.34 -1.22 6.50
C GLY B 171 29.30 -2.65 7.00
N HIS B 172 30.43 -3.36 6.93
CA HIS B 172 30.49 -4.71 7.47
C HIS B 172 30.45 -4.69 8.99
N PHE B 173 31.23 -3.80 9.60
CA PHE B 173 31.30 -3.77 11.06
C PHE B 173 29.96 -3.37 11.66
N TRP B 174 29.40 -2.25 11.21
CA TRP B 174 28.15 -1.77 11.79
C TRP B 174 26.95 -2.57 11.31
N GLY B 175 27.08 -3.30 10.20
CA GLY B 175 26.03 -4.23 9.82
C GLY B 175 26.00 -5.45 10.71
N TRP B 176 27.17 -5.99 11.04
CA TRP B 176 27.22 -7.12 11.96
C TRP B 176 26.96 -6.69 13.40
N ALA B 177 27.27 -5.44 13.72
CA ALA B 177 26.90 -4.92 15.04
C ALA B 177 25.40 -4.80 15.18
N MET B 178 24.70 -4.43 14.11
CA MET B 178 23.25 -4.36 14.17
C MET B 178 22.62 -5.74 14.17
N LYS B 179 23.13 -6.65 13.33
CA LYS B 179 22.56 -7.99 13.26
C LYS B 179 22.67 -8.71 14.59
N ALA B 180 23.89 -8.76 15.16
CA ALA B 180 24.10 -9.46 16.42
C ALA B 180 23.28 -8.86 17.55
N LEU B 181 22.80 -7.62 17.39
CA LEU B 181 21.94 -7.01 18.39
C LEU B 181 20.58 -7.71 18.47
N LEU B 182 20.01 -8.08 17.34
CA LEU B 182 18.69 -8.71 17.35
C LEU B 182 18.72 -10.23 17.22
N ILE B 183 19.78 -10.82 16.65
CA ILE B 183 19.87 -12.28 16.68
C ILE B 183 20.17 -12.75 18.09
N ARG B 184 21.02 -12.04 18.83
CA ARG B 184 21.31 -12.34 20.22
C ARG B 184 21.78 -13.79 20.37
N SER B 185 22.81 -14.12 19.59
CA SER B 185 23.42 -15.45 19.64
C SER B 185 24.78 -15.40 19.00
N TYR B 186 25.82 -15.78 19.75
CA TYR B 186 27.14 -15.93 19.16
C TYR B 186 27.17 -17.05 18.14
N GLY B 187 26.48 -18.15 18.42
CA GLY B 187 26.51 -19.28 17.49
C GLY B 187 25.87 -18.97 16.16
N LEU B 188 24.69 -18.34 16.18
CA LEU B 188 24.00 -18.03 14.93
C LEU B 188 24.81 -17.04 14.10
N CYS B 189 25.37 -16.02 14.74
CA CYS B 189 26.07 -14.98 14.00
C CYS B 189 27.40 -15.49 13.46
N TRP B 190 28.15 -16.25 14.25
CA TRP B 190 29.43 -16.79 13.80
C TRP B 190 29.27 -17.95 12.84
N THR B 191 28.13 -18.64 12.86
CA THR B 191 27.89 -19.69 11.86
C THR B 191 27.73 -19.11 10.47
N ILE B 192 27.13 -17.91 10.37
CA ILE B 192 26.90 -17.27 9.09
C ILE B 192 28.00 -16.27 8.74
N SER B 193 28.68 -15.70 9.74
CA SER B 193 29.86 -14.91 9.45
C SER B 193 31.00 -15.78 8.93
N ILE B 194 31.00 -17.06 9.28
CA ILE B 194 32.09 -17.93 8.83
C ILE B 194 31.73 -18.63 7.53
N THR B 195 30.52 -19.17 7.43
CA THR B 195 30.16 -19.94 6.24
C THR B 195 30.06 -19.04 5.02
N TRP B 196 29.49 -17.85 5.17
CA TRP B 196 29.35 -16.96 4.01
C TRP B 196 30.70 -16.46 3.53
N GLU B 197 31.54 -15.95 4.43
CA GLU B 197 32.85 -15.48 4.02
C GLU B 197 33.70 -16.61 3.47
N LEU B 198 33.37 -17.86 3.78
CA LEU B 198 33.95 -18.99 3.06
C LEU B 198 33.31 -19.17 1.69
N THR B 199 31.99 -18.93 1.60
CA THR B 199 31.32 -19.01 0.30
C THR B 199 31.78 -17.89 -0.62
N GLU B 200 31.91 -16.67 -0.10
CA GLU B 200 32.36 -15.54 -0.90
C GLU B 200 33.77 -15.75 -1.41
N LEU B 201 34.61 -16.46 -0.64
CA LEU B 201 35.95 -16.79 -1.13
C LEU B 201 35.92 -17.92 -2.14
N PHE B 202 34.99 -18.87 -2.00
CA PHE B 202 34.89 -19.93 -2.99
C PHE B 202 34.46 -19.39 -4.34
N PHE B 203 33.58 -18.39 -4.34
CA PHE B 203 33.16 -17.78 -5.60
C PHE B 203 34.28 -16.89 -6.13
N MET B 204 35.42 -17.51 -6.41
CA MET B 204 36.56 -16.81 -7.00
C MET B 204 36.70 -17.06 -8.49
N HIS B 205 36.06 -18.09 -9.03
CA HIS B 205 36.06 -18.27 -10.48
C HIS B 205 35.17 -17.25 -11.18
N LEU B 206 34.20 -16.67 -10.46
CA LEU B 206 33.44 -15.55 -11.01
C LEU B 206 34.33 -14.35 -11.27
N LEU B 207 35.44 -14.24 -10.52
CA LEU B 207 36.32 -13.08 -10.57
C LEU B 207 37.72 -13.57 -10.91
N PRO B 208 37.99 -13.84 -12.19
CA PRO B 208 39.35 -14.20 -12.62
C PRO B 208 40.21 -13.02 -13.03
N ASN B 209 39.81 -11.78 -12.72
CA ASN B 209 40.53 -10.59 -13.14
C ASN B 209 41.14 -9.85 -11.96
N PHE B 210 40.34 -9.51 -10.95
CA PHE B 210 40.86 -8.79 -9.78
C PHE B 210 41.73 -9.72 -8.94
N ALA B 211 42.89 -9.23 -8.55
CA ALA B 211 43.85 -10.02 -7.76
C ALA B 211 43.63 -9.84 -6.26
N GLU B 212 42.41 -10.05 -5.80
CA GLU B 212 42.12 -9.97 -4.38
C GLU B 212 42.71 -11.18 -3.66
N CYS B 213 43.43 -10.92 -2.58
CA CYS B 213 44.06 -11.97 -1.80
C CYS B 213 43.06 -12.61 -0.86
N TRP B 214 43.27 -13.90 -0.59
CA TRP B 214 42.34 -14.64 0.25
C TRP B 214 42.34 -14.16 1.70
N TRP B 215 43.43 -13.53 2.13
CA TRP B 215 43.57 -13.19 3.55
C TRP B 215 42.51 -12.21 4.01
N ASP B 216 42.03 -11.37 3.10
CA ASP B 216 41.01 -10.38 3.46
C ASP B 216 39.69 -11.06 3.81
N GLN B 217 39.29 -12.07 3.04
CA GLN B 217 37.96 -12.65 3.22
C GLN B 217 37.90 -13.57 4.44
N VAL B 218 39.02 -14.19 4.81
CA VAL B 218 39.01 -15.19 5.87
C VAL B 218 39.61 -14.67 7.17
N ILE B 219 40.61 -13.80 7.11
CA ILE B 219 41.25 -13.31 8.33
C ILE B 219 40.64 -11.96 8.72
N LEU B 220 40.71 -10.97 7.83
CA LEU B 220 40.35 -9.61 8.21
C LEU B 220 38.84 -9.42 8.32
N ASP B 221 38.07 -10.14 7.51
CA ASP B 221 36.62 -9.99 7.57
C ASP B 221 36.05 -10.79 8.73
N ILE B 222 36.39 -12.08 8.82
CA ILE B 222 35.81 -12.93 9.86
C ILE B 222 36.20 -12.43 11.24
N LEU B 223 37.47 -12.09 11.44
CA LEU B 223 37.95 -11.80 12.78
C LEU B 223 37.72 -10.35 13.18
N LEU B 224 38.00 -9.40 12.29
CA LEU B 224 37.98 -7.98 12.65
C LEU B 224 36.63 -7.32 12.38
N CYS B 225 36.20 -7.30 11.12
CA CYS B 225 34.93 -6.65 10.80
C CYS B 225 33.75 -7.44 11.35
N ASN B 226 33.64 -8.71 10.95
CA ASN B 226 32.54 -9.54 11.46
C ASN B 226 32.74 -9.92 12.91
N GLY B 227 33.96 -10.35 13.29
CA GLY B 227 34.18 -10.76 14.66
C GLY B 227 34.07 -9.62 15.65
N GLY B 228 34.67 -8.48 15.32
CA GLY B 228 34.56 -7.32 16.19
C GLY B 228 33.15 -6.74 16.19
N GLY B 229 32.50 -6.72 15.03
CA GLY B 229 31.16 -6.16 14.96
C GLY B 229 30.15 -6.99 15.73
N ILE B 230 30.29 -8.32 15.70
CA ILE B 230 29.38 -9.19 16.44
C ILE B 230 29.53 -8.93 17.94
N TRP B 231 30.77 -8.82 18.41
CA TRP B 231 31.01 -8.61 19.83
C TRP B 231 30.38 -7.31 20.31
N LEU B 232 30.52 -6.22 19.54
CA LEU B 232 29.95 -4.95 19.96
C LEU B 232 28.43 -5.00 20.00
N GLY B 233 27.82 -5.69 19.03
CA GLY B 233 26.37 -5.81 19.05
C GLY B 233 25.88 -6.74 20.14
N MET B 234 26.74 -7.64 20.62
CA MET B 234 26.38 -8.52 21.72
C MET B 234 26.67 -7.89 23.07
N VAL B 235 27.71 -7.06 23.16
CA VAL B 235 27.95 -6.28 24.37
C VAL B 235 26.82 -5.28 24.59
N VAL B 236 26.38 -4.61 23.52
CA VAL B 236 25.31 -3.65 23.65
C VAL B 236 23.99 -4.34 23.99
N CYS B 237 23.70 -5.47 23.34
CA CYS B 237 22.45 -6.16 23.60
C CYS B 237 22.37 -6.66 25.03
N ARG B 238 23.48 -7.11 25.59
CA ARG B 238 23.50 -7.52 26.99
C ARG B 238 23.19 -6.34 27.90
N PHE B 239 23.72 -5.17 27.57
CA PHE B 239 23.41 -3.96 28.33
C PHE B 239 21.93 -3.61 28.24
N LEU B 240 21.38 -3.67 27.03
CA LEU B 240 19.99 -3.26 26.81
C LEU B 240 18.98 -4.19 27.43
N GLU B 241 19.37 -5.38 27.89
CA GLU B 241 18.45 -6.29 28.55
C GLU B 241 18.64 -6.33 30.06
N MET B 242 19.68 -5.70 30.59
CA MET B 242 19.80 -5.46 32.01
C MET B 242 19.55 -4.00 32.37
N ARG B 243 18.85 -3.27 31.50
CA ARG B 243 18.56 -1.86 31.67
C ARG B 243 17.12 -1.68 32.09
N THR B 244 16.90 -0.83 33.09
CA THR B 244 15.56 -0.49 33.56
C THR B 244 15.06 0.71 32.77
N TYR B 245 13.98 0.54 32.04
CA TYR B 245 13.44 1.57 31.16
C TYR B 245 12.32 2.30 31.88
N HIS B 246 12.69 3.26 32.70
CA HIS B 246 11.76 4.18 33.33
C HIS B 246 11.78 5.50 32.55
N TRP B 247 10.81 5.66 31.65
CA TRP B 247 10.80 6.80 30.74
C TRP B 247 10.00 7.94 31.36
N ALA B 248 10.67 9.05 31.64
CA ALA B 248 9.99 10.23 32.15
C ALA B 248 9.28 10.93 30.99
N SER B 249 8.80 12.14 31.24
CA SER B 249 8.10 12.92 30.22
C SER B 249 8.91 14.15 29.89
N PHE B 250 8.94 14.49 28.60
CA PHE B 250 9.73 15.64 28.16
C PHE B 250 9.22 16.93 28.81
N LYS B 251 7.94 16.99 29.15
CA LYS B 251 7.39 18.16 29.83
C LYS B 251 7.75 18.18 31.31
N ASP B 252 7.87 17.01 31.94
CA ASP B 252 8.12 16.97 33.38
C ASP B 252 9.52 17.46 33.73
N ILE B 253 10.51 17.19 32.86
CA ILE B 253 11.88 17.61 33.15
C ILE B 253 11.96 19.13 33.10
N HIS B 254 12.63 19.72 34.09
CA HIS B 254 12.74 21.17 34.19
C HIS B 254 14.20 21.63 34.20
N THR B 255 15.09 20.83 33.63
CA THR B 255 16.48 21.22 33.46
C THR B 255 16.82 21.20 31.98
N THR B 256 17.60 22.18 31.53
CA THR B 256 17.91 22.29 30.11
C THR B 256 18.67 21.06 29.60
N THR B 257 19.62 20.57 30.39
CA THR B 257 20.33 19.35 29.99
C THR B 257 19.40 18.15 30.03
N GLY B 258 18.37 18.20 30.86
CA GLY B 258 17.46 17.06 30.96
C GLY B 258 16.63 16.86 29.71
N LYS B 259 16.17 17.96 29.10
CA LYS B 259 15.34 17.84 27.90
C LYS B 259 16.16 17.42 26.70
N ILE B 260 17.41 17.89 26.61
CA ILE B 260 18.30 17.41 25.54
C ILE B 260 18.60 15.94 25.73
N LYS B 261 18.62 15.46 26.98
CA LYS B 261 18.88 14.05 27.25
C LYS B 261 17.69 13.19 26.84
N ARG B 262 16.48 13.61 27.20
CA ARG B 262 15.29 12.83 26.90
C ARG B 262 14.88 12.91 25.43
N ALA B 263 15.23 13.99 24.74
CA ALA B 263 14.94 14.07 23.30
C ALA B 263 15.82 13.12 22.51
N VAL B 264 17.10 13.01 22.88
CA VAL B 264 18.01 12.13 22.16
C VAL B 264 17.66 10.67 22.42
N LEU B 265 17.27 10.34 23.66
CA LEU B 265 16.92 8.98 24.04
C LEU B 265 15.59 8.54 23.46
N GLN B 266 14.88 9.40 22.73
CA GLN B 266 13.70 8.96 21.99
C GLN B 266 14.07 8.10 20.80
N PHE B 267 15.33 8.13 20.38
CA PHE B 267 15.80 7.36 19.24
C PHE B 267 16.48 6.06 19.63
N THR B 268 16.40 5.66 20.89
CA THR B 268 16.83 4.36 21.37
C THR B 268 15.61 3.53 21.76
N PRO B 269 15.74 2.20 21.85
CA PRO B 269 14.56 1.38 22.13
C PRO B 269 13.90 1.73 23.45
N ALA B 270 12.56 1.64 23.45
CA ALA B 270 11.80 1.86 24.68
C ALA B 270 11.94 0.69 25.63
N SER B 271 12.01 -0.53 25.10
CA SER B 271 12.20 -1.73 25.89
C SER B 271 13.04 -2.70 25.10
N TRP B 272 13.37 -3.83 25.71
CA TRP B 272 14.11 -4.88 25.04
C TRP B 272 13.55 -6.23 25.41
N THR B 273 13.46 -7.12 24.42
CA THR B 273 12.93 -8.46 24.63
C THR B 273 14.07 -9.45 24.76
N TYR B 274 14.00 -10.30 25.77
CA TYR B 274 15.01 -11.33 25.97
C TYR B 274 14.82 -12.42 24.91
N VAL B 275 15.81 -12.58 24.04
CA VAL B 275 15.73 -13.47 22.89
C VAL B 275 16.43 -14.78 23.25
N ARG B 276 15.72 -15.88 23.08
CA ARG B 276 16.27 -17.23 23.28
C ARG B 276 15.70 -18.11 22.17
N TRP B 277 16.55 -18.50 21.23
CA TRP B 277 16.06 -19.23 20.07
C TRP B 277 15.81 -20.69 20.40
N PHE B 278 16.79 -21.37 21.00
CA PHE B 278 16.67 -22.77 21.35
C PHE B 278 16.28 -22.91 22.82
N ASP B 279 15.87 -24.11 23.18
CA ASP B 279 15.50 -24.47 24.53
C ASP B 279 16.13 -25.79 24.89
N PRO B 280 16.23 -26.11 26.18
CA PRO B 280 16.65 -27.47 26.57
C PRO B 280 15.75 -28.55 26.00
N LYS B 281 14.47 -28.27 25.82
CA LYS B 281 13.53 -29.17 25.14
C LYS B 281 12.88 -28.37 24.03
N SER B 282 13.52 -28.34 22.86
CA SER B 282 13.04 -27.59 21.72
C SER B 282 12.39 -28.53 20.73
N SER B 283 11.18 -28.18 20.28
CA SER B 283 10.45 -29.02 19.35
C SER B 283 11.15 -29.04 17.99
N PHE B 284 10.95 -30.13 17.25
CA PHE B 284 11.54 -30.24 15.92
C PHE B 284 11.00 -29.18 14.97
N GLN B 285 9.87 -28.56 15.31
CA GLN B 285 9.40 -27.41 14.55
C GLN B 285 10.19 -26.16 14.88
N ARG B 286 10.71 -26.06 16.11
CA ARG B 286 11.55 -24.93 16.49
C ARG B 286 12.94 -25.05 15.92
N VAL B 287 13.47 -26.27 15.86
CA VAL B 287 14.79 -26.49 15.25
C VAL B 287 14.75 -26.15 13.77
N ALA B 288 13.69 -26.55 13.09
CA ALA B 288 13.54 -26.29 11.66
C ALA B 288 13.00 -24.90 11.36
N GLY B 289 12.67 -24.11 12.36
CA GLY B 289 12.30 -22.72 12.15
C GLY B 289 13.50 -21.82 12.30
N VAL B 290 14.42 -22.20 13.19
CA VAL B 290 15.70 -21.54 13.26
C VAL B 290 16.54 -21.86 12.03
N TYR B 291 16.43 -23.09 11.53
CA TYR B 291 17.20 -23.49 10.35
C TYR B 291 16.72 -22.77 9.09
N LEU B 292 15.43 -22.47 8.99
CA LEU B 292 14.96 -21.66 7.87
C LEU B 292 15.41 -20.22 8.02
N PHE B 293 15.56 -19.74 9.26
CA PHE B 293 16.08 -18.40 9.48
C PHE B 293 17.50 -18.27 8.96
N MET B 294 18.34 -19.25 9.25
CA MET B 294 19.74 -19.23 8.82
C MET B 294 19.90 -19.54 7.34
N ILE B 295 18.80 -19.75 6.62
CA ILE B 295 18.85 -20.01 5.19
C ILE B 295 18.27 -18.84 4.40
N ILE B 296 17.22 -18.19 4.89
CA ILE B 296 16.79 -16.93 4.30
C ILE B 296 17.82 -15.85 4.61
N TRP B 297 18.36 -15.83 5.83
CA TRP B 297 19.44 -14.92 6.16
C TRP B 297 20.63 -15.12 5.23
N GLN B 298 21.06 -16.36 5.08
CA GLN B 298 22.27 -16.65 4.34
C GLN B 298 22.03 -16.64 2.84
N LEU B 299 20.77 -16.60 2.41
CA LEU B 299 20.43 -16.30 1.02
C LEU B 299 20.55 -14.82 0.73
N THR B 300 20.17 -13.96 1.67
CA THR B 300 20.27 -12.52 1.44
C THR B 300 21.70 -12.05 1.26
N GLU B 301 22.67 -12.79 1.81
CA GLU B 301 24.08 -12.51 1.51
C GLU B 301 24.46 -12.97 0.12
N LEU B 302 23.70 -13.89 -0.46
CA LEU B 302 23.95 -14.40 -1.80
C LEU B 302 23.29 -13.55 -2.87
N ASN B 303 22.22 -12.83 -2.54
CA ASN B 303 21.62 -11.90 -3.48
C ASN B 303 22.50 -10.67 -3.68
N THR B 304 23.06 -10.14 -2.59
CA THR B 304 23.92 -8.98 -2.70
C THR B 304 25.16 -9.27 -3.51
N PHE B 305 25.72 -10.47 -3.36
CA PHE B 305 26.91 -10.84 -4.11
C PHE B 305 26.63 -10.93 -5.61
N PHE B 306 25.49 -11.50 -5.99
CA PHE B 306 25.18 -11.76 -7.39
C PHE B 306 24.57 -10.56 -8.09
N LEU B 307 23.70 -9.82 -7.40
CA LEU B 307 23.14 -8.61 -8.00
C LEU B 307 24.23 -7.61 -8.36
N LYS B 308 25.37 -7.68 -7.67
CA LYS B 308 26.50 -6.82 -7.98
C LYS B 308 27.32 -7.34 -9.15
N HIS B 309 27.25 -8.65 -9.41
CA HIS B 309 28.04 -9.24 -10.48
C HIS B 309 27.27 -9.35 -11.79
N ILE B 310 25.97 -9.64 -11.72
CA ILE B 310 25.16 -9.76 -12.93
C ILE B 310 24.95 -8.38 -13.55
N PHE B 311 24.31 -7.49 -12.80
CA PHE B 311 24.17 -6.09 -13.21
C PHE B 311 25.38 -5.36 -12.67
N VAL B 312 26.41 -5.22 -13.51
CA VAL B 312 27.70 -4.72 -13.07
C VAL B 312 27.57 -3.28 -12.58
N PHE B 313 27.71 -3.08 -11.28
CA PHE B 313 27.92 -1.76 -10.71
C PHE B 313 28.86 -1.89 -9.54
N GLN B 314 29.69 -0.87 -9.35
CA GLN B 314 30.71 -0.92 -8.32
C GLN B 314 30.08 -0.78 -6.94
N ALA B 315 30.89 -1.06 -5.92
CA ALA B 315 30.40 -1.02 -4.54
C ALA B 315 30.07 0.39 -4.08
N SER B 316 30.64 1.42 -4.72
CA SER B 316 30.40 2.81 -4.32
C SER B 316 29.19 3.42 -5.00
N HIS B 317 28.52 2.68 -5.89
CA HIS B 317 27.34 3.23 -6.54
C HIS B 317 26.14 3.17 -5.61
N PRO B 318 25.24 4.16 -5.65
CA PRO B 318 24.09 4.16 -4.75
C PRO B 318 23.19 2.94 -4.91
N LEU B 319 23.27 2.22 -6.03
CA LEU B 319 22.52 0.98 -6.15
C LEU B 319 23.15 -0.12 -5.30
N SER B 320 24.45 -0.02 -5.01
CA SER B 320 25.12 -1.03 -4.20
C SER B 320 24.89 -0.78 -2.71
N TRP B 321 25.36 0.36 -2.20
CA TRP B 321 25.22 0.63 -0.78
C TRP B 321 23.84 1.17 -0.40
N GLY B 322 23.11 1.73 -1.36
CA GLY B 322 21.75 2.17 -1.05
C GLY B 322 20.81 1.01 -0.78
N ARG B 323 20.96 -0.08 -1.53
CA ARG B 323 20.13 -1.25 -1.31
C ARG B 323 20.51 -1.98 -0.02
N ILE B 324 21.81 -1.99 0.32
CA ILE B 324 22.24 -2.67 1.54
C ILE B 324 21.74 -1.93 2.77
N LEU B 325 21.71 -0.59 2.71
CA LEU B 325 21.13 0.17 3.80
C LEU B 325 19.64 -0.11 3.94
N PHE B 326 18.94 -0.21 2.82
CA PHE B 326 17.51 -0.48 2.86
C PHE B 326 17.20 -1.88 3.35
N ILE B 327 17.94 -2.88 2.85
CA ILE B 327 17.76 -4.25 3.33
C ILE B 327 18.15 -4.36 4.79
N GLY B 328 19.18 -3.62 5.22
CA GLY B 328 19.52 -3.58 6.62
C GLY B 328 18.44 -2.95 7.49
N GLY B 329 17.73 -1.95 6.96
CA GLY B 329 16.65 -1.34 7.71
C GLY B 329 15.42 -2.22 7.79
N ILE B 330 15.17 -3.03 6.75
CA ILE B 330 14.04 -3.95 6.78
C ILE B 330 14.33 -5.10 7.73
N THR B 331 15.60 -5.40 7.96
CA THR B 331 15.99 -6.55 8.78
C THR B 331 15.64 -6.35 10.25
N ALA B 332 15.69 -5.11 10.74
CA ALA B 332 15.46 -4.88 12.16
C ALA B 332 14.07 -5.31 12.62
N PRO B 333 12.97 -4.95 11.96
CA PRO B 333 11.66 -5.48 12.38
C PRO B 333 11.35 -6.86 11.84
N THR B 334 12.11 -7.36 10.86
CA THR B 334 11.91 -8.71 10.37
C THR B 334 12.44 -9.75 11.33
N VAL B 335 13.59 -9.48 11.94
CA VAL B 335 14.13 -10.39 12.95
C VAL B 335 13.24 -10.43 14.18
N ARG B 336 12.66 -9.29 14.55
CA ARG B 336 11.81 -9.23 15.73
C ARG B 336 10.40 -9.75 15.48
N GLN B 337 9.99 -9.88 14.22
CA GLN B 337 8.70 -10.49 13.88
C GLN B 337 8.83 -11.96 13.56
N TYR B 338 9.96 -12.39 13.01
CA TYR B 338 10.19 -13.83 12.83
C TYR B 338 10.38 -14.53 14.15
N TYR B 339 11.08 -13.90 15.08
CA TYR B 339 11.28 -14.51 16.39
C TYR B 339 9.96 -14.67 17.12
N ALA B 340 9.09 -13.66 17.07
CA ALA B 340 7.82 -13.75 17.76
C ALA B 340 6.97 -14.89 17.22
N TYR B 341 6.84 -14.97 15.89
CA TYR B 341 6.04 -16.03 15.29
C TYR B 341 6.64 -17.40 15.59
N LEU B 342 7.97 -17.51 15.52
CA LEU B 342 8.61 -18.81 15.72
C LEU B 342 8.40 -19.34 17.13
N THR B 343 8.48 -18.47 18.13
CA THR B 343 8.51 -18.89 19.53
C THR B 343 7.18 -18.72 20.25
N ASP B 344 6.56 -17.54 20.14
CA ASP B 344 5.28 -17.32 20.81
C ASP B 344 4.22 -18.26 20.24
N THR B 345 3.51 -18.95 21.12
CA THR B 345 2.57 -19.97 20.70
C THR B 345 1.18 -19.42 20.41
N GLN B 346 0.93 -18.15 20.69
CA GLN B 346 -0.38 -17.54 20.48
C GLN B 346 -0.41 -16.58 19.31
N CYS B 347 0.65 -16.54 18.50
CA CYS B 347 0.72 -15.55 17.42
C CYS B 347 -0.11 -15.99 16.22
N LYS B 348 0.13 -17.20 15.72
CA LYS B 348 -0.66 -17.84 14.66
C LYS B 348 -0.65 -17.07 13.35
N ARG B 349 0.18 -16.03 13.22
CA ARG B 349 0.31 -15.35 11.95
C ARG B 349 1.64 -14.62 11.92
N VAL B 350 2.27 -14.59 10.74
CA VAL B 350 3.57 -13.95 10.56
C VAL B 350 3.33 -12.52 10.10
N GLY B 351 4.04 -11.58 10.73
CA GLY B 351 3.79 -10.17 10.45
C GLY B 351 4.07 -9.83 8.99
N THR B 352 3.40 -8.79 8.51
CA THR B 352 3.47 -8.45 7.10
C THR B 352 4.86 -7.99 6.69
N GLN B 353 5.58 -7.31 7.57
CA GLN B 353 6.95 -6.91 7.24
C GLN B 353 7.85 -8.13 7.11
N CYS B 354 7.65 -9.14 7.95
CA CYS B 354 8.37 -10.39 7.79
C CYS B 354 7.93 -11.13 6.54
N TRP B 355 6.67 -10.97 6.14
CA TRP B 355 6.21 -11.54 4.88
C TRP B 355 6.89 -10.87 3.69
N VAL B 356 6.89 -9.54 3.66
CA VAL B 356 7.44 -8.81 2.52
C VAL B 356 8.95 -8.98 2.42
N PHE B 357 9.65 -9.08 3.56
CA PHE B 357 11.06 -9.42 3.52
C PHE B 357 11.26 -10.82 2.94
N GLY B 358 10.30 -11.72 3.16
CA GLY B 358 10.42 -13.06 2.62
C GLY B 358 10.36 -13.09 1.11
N VAL B 359 9.45 -12.32 0.52
CA VAL B 359 9.35 -12.29 -0.94
C VAL B 359 10.55 -11.57 -1.55
N ILE B 360 10.98 -10.46 -0.93
CA ILE B 360 12.11 -9.71 -1.44
C ILE B 360 13.37 -10.58 -1.47
N GLY B 361 13.60 -11.33 -0.39
CA GLY B 361 14.76 -12.21 -0.36
C GLY B 361 14.68 -13.33 -1.38
N PHE B 362 13.47 -13.78 -1.70
CA PHE B 362 13.27 -14.86 -2.66
C PHE B 362 13.13 -14.36 -4.09
N LEU B 363 12.56 -13.17 -4.29
CA LEU B 363 12.44 -12.62 -5.63
C LEU B 363 13.79 -12.17 -6.18
N GLU B 364 14.68 -11.70 -5.30
CA GLU B 364 16.02 -11.33 -5.75
C GLU B 364 16.77 -12.55 -6.24
N ALA B 365 16.55 -13.72 -5.64
CA ALA B 365 17.19 -14.94 -6.10
C ALA B 365 16.71 -15.32 -7.50
N ILE B 366 15.40 -15.21 -7.75
CA ILE B 366 14.87 -15.52 -9.08
C ILE B 366 15.44 -14.56 -10.10
N VAL B 367 15.52 -13.27 -9.75
CA VAL B 367 16.12 -12.28 -10.64
C VAL B 367 17.56 -12.64 -10.94
N CYS B 368 18.31 -13.09 -9.93
CA CYS B 368 19.70 -13.50 -10.14
C CYS B 368 19.79 -14.75 -11.01
N ILE B 369 18.91 -15.73 -10.79
CA ILE B 369 18.93 -16.94 -11.61
C ILE B 369 18.52 -16.62 -13.04
N LYS B 370 17.48 -15.81 -13.21
CA LYS B 370 16.93 -15.58 -14.55
C LYS B 370 17.90 -14.77 -15.41
N PHE B 371 18.52 -13.75 -14.85
CA PHE B 371 19.36 -12.85 -15.63
C PHE B 371 20.81 -13.31 -15.70
N GLY B 372 21.33 -13.88 -14.61
CA GLY B 372 22.69 -14.38 -14.61
C GLY B 372 22.81 -15.83 -15.03
N GLN B 373 22.57 -16.13 -16.30
CA GLN B 373 22.72 -17.47 -16.83
C GLN B 373 23.95 -17.62 -17.71
N ASP B 374 24.76 -16.58 -17.83
CA ASP B 374 25.95 -16.62 -18.67
C ASP B 374 27.25 -16.47 -17.90
N LEU B 375 27.21 -16.06 -16.64
CA LEU B 375 28.42 -15.91 -15.83
C LEU B 375 28.93 -17.23 -15.28
N PHE B 376 28.19 -18.32 -15.48
CA PHE B 376 28.61 -19.65 -15.08
C PHE B 376 28.53 -20.59 -16.28
N SER B 377 29.52 -21.47 -16.39
CA SER B 377 29.53 -22.53 -17.39
C SER B 377 29.31 -23.90 -16.76
N LYS B 378 30.12 -24.26 -15.78
CA LYS B 378 29.91 -25.44 -14.96
C LYS B 378 29.40 -24.95 -13.60
N THR B 379 28.12 -25.21 -13.32
CA THR B 379 27.47 -24.68 -12.13
C THR B 379 27.82 -25.55 -10.93
N GLN B 380 28.39 -24.94 -9.90
CA GLN B 380 28.72 -25.62 -8.66
C GLN B 380 27.64 -25.28 -7.63
N ILE B 381 26.56 -26.06 -7.67
CA ILE B 381 25.58 -26.06 -6.60
C ILE B 381 25.89 -27.14 -5.57
N LEU B 382 26.88 -27.99 -5.83
CA LEU B 382 27.36 -28.92 -4.81
C LEU B 382 27.89 -28.19 -3.59
N TYR B 383 28.62 -27.08 -3.80
CA TYR B 383 29.04 -26.26 -2.68
C TYR B 383 27.85 -25.69 -1.94
N VAL B 384 26.86 -25.18 -2.69
CA VAL B 384 25.66 -24.66 -2.06
C VAL B 384 24.91 -25.78 -1.35
N VAL B 385 24.82 -26.96 -1.98
CA VAL B 385 24.24 -28.11 -1.30
C VAL B 385 25.03 -28.46 -0.06
N LEU B 386 26.36 -28.41 -0.14
CA LEU B 386 27.20 -28.57 1.03
C LEU B 386 27.10 -27.39 1.99
N TRP B 387 26.58 -26.26 1.53
CA TRP B 387 26.50 -25.06 2.35
C TRP B 387 25.36 -25.13 3.36
N LEU B 388 24.27 -25.83 3.06
CA LEU B 388 23.21 -26.00 4.06
C LEU B 388 23.43 -27.21 4.95
N LEU B 389 24.10 -28.25 4.45
CA LEU B 389 24.38 -29.41 5.30
C LEU B 389 25.26 -29.02 6.47
N CYS B 390 26.26 -28.17 6.23
CA CYS B 390 27.13 -27.68 7.30
C CYS B 390 26.50 -26.56 8.11
N VAL B 391 25.33 -26.07 7.74
CA VAL B 391 24.58 -25.15 8.59
C VAL B 391 23.68 -25.90 9.55
N ALA B 392 22.97 -26.92 9.06
CA ALA B 392 22.19 -27.77 9.95
C ALA B 392 23.08 -28.52 10.92
N PHE B 393 24.22 -29.02 10.44
CA PHE B 393 25.14 -29.74 11.31
C PHE B 393 25.69 -28.85 12.40
N THR B 394 25.68 -27.54 12.19
CA THR B 394 26.20 -26.59 13.16
C THR B 394 25.11 -26.03 14.07
N THR B 395 23.89 -25.86 13.56
CA THR B 395 22.77 -25.57 14.44
C THR B 395 22.55 -26.72 15.42
N PHE B 396 22.68 -27.96 14.94
CA PHE B 396 22.59 -29.12 15.83
C PHE B 396 23.67 -29.09 16.90
N LEU B 397 24.86 -28.57 16.58
CA LEU B 397 25.88 -28.40 17.62
C LEU B 397 25.54 -27.27 18.58
N CYS B 398 24.69 -26.32 18.17
CA CYS B 398 24.19 -25.33 19.12
C CYS B 398 23.17 -25.94 20.07
N LEU B 399 22.34 -26.86 19.57
CA LEU B 399 21.39 -27.55 20.43
C LEU B 399 22.12 -28.41 21.46
N TYR B 400 23.16 -29.12 21.04
CA TYR B 400 23.94 -29.92 21.98
C TYR B 400 24.64 -29.03 23.00
N GLY B 401 25.11 -27.86 22.56
CA GLY B 401 25.76 -26.95 23.49
C GLY B 401 24.82 -26.48 24.59
N MET B 402 23.61 -26.06 24.21
CA MET B 402 22.66 -25.57 25.20
C MET B 402 22.19 -26.69 26.13
N ILE B 403 21.76 -27.81 25.56
CA ILE B 403 21.16 -28.88 26.36
C ILE B 403 22.20 -29.47 27.32
N TRP B 404 23.41 -29.74 26.81
CA TRP B 404 24.45 -30.31 27.66
C TRP B 404 24.94 -29.31 28.70
N TYR B 405 24.82 -28.01 28.43
CA TYR B 405 25.26 -27.02 29.42
C TYR B 405 24.28 -26.93 30.58
N ALA B 406 22.97 -27.06 30.30
CA ALA B 406 21.97 -26.97 31.35
C ALA B 406 22.15 -28.08 32.38
N GLU B 407 22.37 -29.31 31.91
CA GLU B 407 22.59 -30.42 32.83
C GLU B 407 23.94 -30.31 33.53
N HIS B 408 24.97 -29.90 32.79
CA HIS B 408 26.30 -29.75 33.35
C HIS B 408 26.54 -28.31 33.79
#